data_2ZWS
#
_entry.id   2ZWS
#
_cell.length_a   182.175
_cell.length_b   59.292
_cell.length_c   70.976
_cell.angle_alpha   90.00
_cell.angle_beta   102.16
_cell.angle_gamma   90.00
#
_symmetry.space_group_name_H-M   'C 1 2 1'
#
loop_
_entity.id
_entity.type
_entity.pdbx_description
1 polymer 'Neutral ceramidase'
2 non-polymer 'ZINC ION'
3 non-polymer 'MAGNESIUM ION'
4 non-polymer 'FORMIC ACID'
5 non-polymer 'PALMITIC ACID'
6 non-polymer GLYCEROL
7 water water
#
_entity_poly.entity_id   1
_entity_poly.type   'polypeptide(L)'
_entity_poly.pdbx_seq_one_letter_code
;DDLPYRFGLGKADITGEAAEVGMMGYSSLEQKTAGIHMRQWARAFVIEEAASGRRLVYVNTDLGMIFQAVHLKVLARLKA
KYPGVYDENNVMLAATHTHSGPGGFSHYAMYNLSVLGFQEKTFNAIVDGIVRSIERAQARLQPGRLFYGSGELRNASRNR
SLLSHLKNPDIAGYEDGIDPQMSVLSFVDANGELAGAISWFPVHSTSMTNANHLISPDNKGYASYHWEHDVSRKSGFVAA
FAQTNAGNLSPNLNLKPGSGPFDNEFDNTREIGLRQFAKAYEIAGQAQEEVLGELDSRFRFVDFTRLPIRPEFTDGQPRQ
LCTAAIGTSLAAGSTEDGPGPLGLEEGNNPFLSALGGLLTGVPPQELVQCQAEKTILADTGNKKPYPWTPTVLPIQMFRI
GQLELLGAPAEFTVMAGVRIRRAVQAASEAAGIRHVVFNGYANAYASYVTTREEYAAQEYEGGSTLYGPWTQAAYQQLFV
DMAVALRERLPVETSAIAPDLSCCQMNFQTGVVADDPYIGKSFGDVLQQPRESYRIGDKVTVAFVTGHPKNDLRTEKTFL
EVVNIGKDGKQTPVTVATDNDWDTQYRWERVGISASKATISWSIPPGTEPGHYYIRHYGNAKNFWTQKISEIGGSTRSFE
VLGTTP
;
_entity_poly.pdbx_strand_id   A
#
loop_
_chem_comp.id
_chem_comp.type
_chem_comp.name
_chem_comp.formula
FMT non-polymer 'FORMIC ACID' 'C H2 O2'
GOL non-polymer GLYCEROL 'C3 H8 O3'
MG non-polymer 'MAGNESIUM ION' 'Mg 2'
PLM non-polymer 'PALMITIC ACID' 'C16 H32 O2'
ZN non-polymer 'ZINC ION' 'Zn 2'
#
# COMPACT_ATOMS: atom_id res chain seq x y z
N ASP A 1 -14.60 36.02 -6.10
CA ASP A 1 -13.24 36.16 -5.49
C ASP A 1 -12.23 35.34 -6.32
N ASP A 2 -12.22 34.01 -6.19
CA ASP A 2 -12.99 33.26 -5.19
C ASP A 2 -12.08 32.22 -4.54
N LEU A 3 -12.32 30.95 -4.83
CA LEU A 3 -11.75 29.85 -4.04
C LEU A 3 -10.23 29.70 -4.16
N PRO A 4 -9.55 29.39 -3.04
CA PRO A 4 -8.08 29.43 -2.99
C PRO A 4 -7.37 28.32 -3.77
N TYR A 5 -8.02 27.17 -3.93
CA TYR A 5 -7.40 26.00 -4.56
C TYR A 5 -8.31 25.40 -5.59
N ARG A 6 -7.73 24.56 -6.44
CA ARG A 6 -8.52 23.59 -7.17
C ARG A 6 -8.01 22.23 -6.72
N PHE A 7 -8.89 21.24 -6.67
CA PHE A 7 -8.38 19.87 -6.41
C PHE A 7 -9.04 18.88 -7.35
N GLY A 8 -8.40 17.73 -7.55
CA GLY A 8 -8.97 16.68 -8.35
C GLY A 8 -8.74 15.37 -7.66
N LEU A 9 -9.79 14.54 -7.59
CA LEU A 9 -9.70 13.26 -6.88
C LEU A 9 -9.93 12.14 -7.85
N GLY A 10 -9.05 11.16 -7.84
CA GLY A 10 -9.13 10.04 -8.79
C GLY A 10 -8.78 8.73 -8.12
N LYS A 11 -9.32 7.62 -8.63
CA LYS A 11 -9.01 6.32 -8.05
C LYS A 11 -8.90 5.32 -9.19
N ALA A 12 -7.91 4.44 -9.13
CA ALA A 12 -7.76 3.42 -10.18
C ALA A 12 -7.19 2.13 -9.63
N ASP A 13 -7.56 1.05 -10.29
CA ASP A 13 -7.29 -0.33 -9.87
C ASP A 13 -5.81 -0.68 -10.11
N ILE A 14 -5.10 -1.13 -9.06
CA ILE A 14 -3.71 -1.55 -9.17
C ILE A 14 -3.56 -3.02 -8.71
N THR A 15 -4.67 -3.76 -8.74
CA THR A 15 -4.64 -5.16 -8.27
C THR A 15 -3.80 -6.02 -9.21
N GLY A 16 -2.90 -6.81 -8.65
CA GLY A 16 -2.03 -7.64 -9.43
C GLY A 16 -2.52 -9.08 -9.52
N GLU A 17 -1.60 -10.01 -9.69
CA GLU A 17 -1.95 -11.40 -10.03
C GLU A 17 -2.64 -12.10 -8.87
N ALA A 18 -3.86 -12.58 -9.08
CA ALA A 18 -4.73 -13.09 -8.00
C ALA A 18 -4.57 -14.57 -7.65
N ALA A 19 -3.76 -15.27 -8.41
CA ALA A 19 -3.38 -16.61 -7.96
C ALA A 19 -1.94 -16.95 -8.29
N GLU A 20 -1.29 -17.65 -7.36
CA GLU A 20 0.02 -18.28 -7.55
C GLU A 20 1.17 -17.27 -7.67
N VAL A 21 1.07 -16.17 -6.91
CA VAL A 21 2.20 -15.29 -6.70
C VAL A 21 2.39 -15.07 -5.20
N GLY A 22 3.63 -15.20 -4.72
CA GLY A 22 3.94 -14.90 -3.32
C GLY A 22 3.47 -13.50 -2.94
N MET A 23 2.88 -13.40 -1.76
CA MET A 23 2.41 -12.12 -1.25
C MET A 23 3.51 -11.29 -0.58
N MET A 24 3.34 -9.96 -0.61
CA MET A 24 4.38 -9.04 -0.15
C MET A 24 4.14 -8.58 1.29
N GLY A 25 5.12 -8.81 2.15
CA GLY A 25 5.07 -8.30 3.52
C GLY A 25 5.49 -9.33 4.55
N TYR A 26 5.00 -10.56 4.41
CA TYR A 26 5.29 -11.61 5.39
C TYR A 26 6.52 -12.51 5.08
N SER A 27 7.15 -12.30 3.93
CA SER A 27 8.37 -13.00 3.54
C SER A 27 8.20 -14.51 3.56
N SER A 28 7.03 -14.97 3.15
CA SER A 28 6.72 -16.39 3.18
C SER A 28 6.72 -17.02 1.80
N LEU A 29 7.43 -18.13 1.65
CA LEU A 29 7.35 -18.94 0.43
C LEU A 29 6.05 -19.77 0.29
N GLU A 30 5.27 -19.79 1.37
N GLU A 30 5.21 -19.83 1.32
CA GLU A 30 4.02 -20.52 1.44
CA GLU A 30 3.95 -20.57 1.18
C GLU A 30 2.81 -19.61 1.66
C GLU A 30 2.71 -19.69 1.03
N GLN A 31 2.89 -18.39 1.12
CA GLN A 31 1.75 -17.49 1.11
C GLN A 31 1.55 -16.95 -0.28
N LYS A 32 0.99 -17.78 -1.14
CA LYS A 32 0.66 -17.35 -2.49
C LYS A 32 -0.78 -16.88 -2.64
N THR A 33 -1.01 -15.90 -3.52
CA THR A 33 -2.39 -15.46 -3.74
C THR A 33 -3.26 -16.62 -4.19
N ALA A 34 -4.51 -16.56 -3.77
CA ALA A 34 -5.53 -17.55 -4.17
C ALA A 34 -6.92 -16.95 -4.38
N GLY A 35 -6.96 -15.63 -4.61
CA GLY A 35 -8.22 -14.96 -4.91
C GLY A 35 -8.22 -13.52 -4.47
N ILE A 36 -9.41 -12.93 -4.40
CA ILE A 36 -9.53 -11.53 -4.02
C ILE A 36 -10.60 -11.40 -2.97
N HIS A 37 -10.27 -10.72 -1.87
CA HIS A 37 -11.33 -10.25 -0.98
C HIS A 37 -11.80 -8.86 -1.42
N MET A 38 -10.89 -7.90 -1.44
CA MET A 38 -11.16 -6.59 -2.00
CA MET A 38 -11.15 -6.59 -2.00
C MET A 38 -9.98 -6.19 -2.88
N ARG A 39 -10.26 -5.35 -3.89
CA ARG A 39 -9.19 -4.93 -4.79
C ARG A 39 -8.28 -3.89 -4.15
N GLN A 40 -7.14 -3.67 -4.79
CA GLN A 40 -6.16 -2.66 -4.40
C GLN A 40 -6.31 -1.45 -5.33
N TRP A 41 -6.24 -0.25 -4.73
CA TRP A 41 -6.45 1.00 -5.49
C TRP A 41 -5.34 1.99 -5.25
N ALA A 42 -5.09 2.80 -6.28
CA ALA A 42 -4.32 4.03 -6.14
C ALA A 42 -5.35 5.17 -6.05
N ARG A 43 -5.17 6.02 -5.05
CA ARG A 43 -6.09 7.17 -4.82
C ARG A 43 -5.23 8.42 -4.94
N ALA A 44 -5.53 9.23 -5.94
CA ALA A 44 -4.72 10.40 -6.29
C ALA A 44 -5.42 11.68 -5.94
N PHE A 45 -4.63 12.63 -5.42
CA PHE A 45 -5.17 13.93 -4.98
C PHE A 45 -4.30 14.97 -5.63
N VAL A 46 -4.86 15.63 -6.64
CA VAL A 46 -4.16 16.72 -7.31
C VAL A 46 -4.59 18.01 -6.65
N ILE A 47 -3.64 18.86 -6.29
CA ILE A 47 -3.96 20.15 -5.68
C ILE A 47 -3.28 21.25 -6.45
N GLU A 48 -4.02 22.31 -6.76
CA GLU A 48 -3.45 23.43 -7.49
C GLU A 48 -3.75 24.70 -6.76
N GLU A 49 -2.78 25.61 -6.75
CA GLU A 49 -2.99 26.89 -6.13
C GLU A 49 -3.68 27.74 -7.19
N ALA A 50 -4.81 28.36 -6.85
CA ALA A 50 -5.45 29.21 -7.84
C ALA A 50 -4.52 30.41 -8.21
N ALA A 51 -3.49 30.66 -7.40
CA ALA A 51 -2.69 31.93 -7.48
C ALA A 51 -1.47 32.27 -8.42
N SER A 52 -0.43 31.46 -8.73
CA SER A 52 -0.31 30.01 -8.98
C SER A 52 -1.29 29.53 -10.07
N GLY A 53 -1.32 28.23 -10.41
CA GLY A 53 -0.59 27.14 -9.70
C GLY A 53 0.13 26.20 -10.64
N ARG A 54 1.36 25.83 -10.31
CA ARG A 54 1.70 25.29 -9.02
C ARG A 54 0.65 24.20 -8.69
N ARG A 55 1.03 23.02 -9.13
CA ARG A 55 0.28 21.83 -8.90
C ARG A 55 1.16 20.81 -8.15
N LEU A 56 0.54 20.11 -7.21
CA LEU A 56 1.11 18.95 -6.56
C LEU A 56 0.18 17.77 -6.78
N VAL A 57 0.74 16.57 -6.77
CA VAL A 57 -0.12 15.38 -6.70
C VAL A 57 0.44 14.40 -5.65
N TYR A 58 -0.47 13.94 -4.80
CA TYR A 58 -0.19 12.93 -3.79
C TYR A 58 -1.03 11.69 -4.11
N VAL A 59 -0.37 10.53 -4.19
CA VAL A 59 -1.08 9.28 -4.45
C VAL A 59 -0.83 8.30 -3.33
N ASN A 60 -1.91 7.81 -2.70
CA ASN A 60 -1.74 6.75 -1.72
C ASN A 60 -2.23 5.41 -2.31
N THR A 61 -1.44 4.36 -2.14
CA THR A 61 -1.68 3.08 -2.80
C THR A 61 -1.91 1.94 -1.80
N ASP A 62 -2.84 1.05 -2.16
CA ASP A 62 -3.11 -0.15 -1.37
C ASP A 62 -2.03 -1.24 -1.63
N LEU A 63 -0.80 -0.96 -1.22
CA LEU A 63 0.35 -1.82 -1.48
C LEU A 63 1.17 -1.96 -0.21
N GLY A 64 2.04 -2.97 -0.15
CA GLY A 64 2.96 -3.12 0.98
C GLY A 64 3.92 -1.96 1.05
N MET A 65 4.32 -1.47 -0.12
CA MET A 65 5.25 -0.35 -0.18
C MET A 65 5.30 0.19 -1.59
N ILE A 66 5.92 1.36 -1.76
CA ILE A 66 6.12 1.80 -3.14
CA ILE A 66 6.14 1.99 -3.06
C ILE A 66 7.61 1.80 -3.44
N PHE A 67 7.95 0.81 -4.21
CA PHE A 67 9.36 0.56 -4.47
C PHE A 67 9.93 1.57 -5.47
N GLN A 68 11.25 1.79 -5.39
CA GLN A 68 11.91 2.69 -6.32
C GLN A 68 11.59 2.39 -7.79
N ALA A 69 11.53 1.11 -8.16
CA ALA A 69 11.21 0.76 -9.55
C ALA A 69 9.86 1.32 -10.06
N VAL A 70 8.85 1.28 -9.19
CA VAL A 70 7.53 1.83 -9.47
C VAL A 70 7.65 3.34 -9.58
N HIS A 71 8.27 4.00 -8.59
CA HIS A 71 8.43 5.45 -8.63
C HIS A 71 9.09 5.92 -9.93
N LEU A 72 10.17 5.27 -10.32
CA LEU A 72 10.91 5.68 -11.52
C LEU A 72 10.07 5.53 -12.79
N LYS A 73 9.33 4.43 -12.90
CA LYS A 73 8.56 4.15 -14.10
CA LYS A 73 8.54 4.13 -14.09
C LYS A 73 7.34 5.05 -14.15
N VAL A 74 6.69 5.26 -13.00
CA VAL A 74 5.56 6.18 -12.97
C VAL A 74 6.01 7.58 -13.43
N LEU A 75 7.13 8.06 -12.93
CA LEU A 75 7.61 9.39 -13.33
CA LEU A 75 7.62 9.39 -13.33
C LEU A 75 7.90 9.47 -14.82
N ALA A 76 8.55 8.43 -15.37
CA ALA A 76 8.81 8.42 -16.80
C ALA A 76 7.51 8.48 -17.60
N ARG A 77 6.52 7.69 -17.19
CA ARG A 77 5.23 7.66 -17.88
CA ARG A 77 5.24 7.65 -17.89
C ARG A 77 4.53 9.01 -17.83
N LEU A 78 4.59 9.66 -16.67
CA LEU A 78 3.98 10.98 -16.53
C LEU A 78 4.66 12.02 -17.41
N LYS A 79 5.98 11.93 -17.51
CA LYS A 79 6.76 12.86 -18.33
C LYS A 79 6.51 12.65 -19.80
N ALA A 80 6.28 11.40 -20.20
CA ALA A 80 5.99 11.06 -21.60
C ALA A 80 4.63 11.58 -22.03
N LYS A 81 3.64 11.50 -21.14
CA LYS A 81 2.26 11.77 -21.53
C LYS A 81 1.87 13.22 -21.25
N TYR A 82 2.48 13.81 -20.22
CA TYR A 82 2.12 15.15 -19.73
C TYR A 82 3.36 16.03 -19.54
N PRO A 83 4.09 16.31 -20.64
CA PRO A 83 5.39 16.97 -20.46
C PRO A 83 5.26 18.33 -19.81
N GLY A 84 6.13 18.61 -18.85
CA GLY A 84 6.13 19.90 -18.17
C GLY A 84 5.14 20.02 -17.03
N VAL A 85 4.28 19.01 -16.87
CA VAL A 85 3.25 19.09 -15.84
C VAL A 85 3.72 18.46 -14.52
N TYR A 86 4.28 17.26 -14.65
CA TYR A 86 4.71 16.47 -13.48
C TYR A 86 6.18 16.12 -13.58
N ASP A 87 6.84 16.11 -12.43
CA ASP A 87 8.13 15.48 -12.32
C ASP A 87 8.42 15.07 -10.87
N GLU A 88 9.66 14.70 -10.58
CA GLU A 88 9.97 14.23 -9.23
CA GLU A 88 10.02 14.25 -9.23
C GLU A 88 9.65 15.26 -8.15
N ASN A 89 9.68 16.55 -8.51
CA ASN A 89 9.42 17.56 -7.50
C ASN A 89 7.98 17.65 -7.04
N ASN A 90 7.01 17.24 -7.87
CA ASN A 90 5.62 17.48 -7.48
C ASN A 90 4.73 16.26 -7.47
N VAL A 91 5.34 15.07 -7.42
CA VAL A 91 4.55 13.83 -7.37
C VAL A 91 5.04 13.03 -6.16
N MET A 92 4.13 12.70 -5.24
CA MET A 92 4.47 11.88 -4.07
C MET A 92 3.65 10.61 -4.12
N LEU A 93 4.33 9.47 -4.00
CA LEU A 93 3.65 8.17 -4.01
C LEU A 93 3.85 7.52 -2.66
N ALA A 94 2.80 7.07 -2.00
CA ALA A 94 2.92 6.45 -0.69
C ALA A 94 2.07 5.19 -0.64
N ALA A 95 2.33 4.34 0.34
CA ALA A 95 1.62 3.07 0.45
C ALA A 95 1.00 2.91 1.85
N THR A 96 -0.05 2.10 1.90
CA THR A 96 -0.76 1.82 3.14
C THR A 96 -0.04 0.72 3.97
N HIS A 97 0.85 -0.04 3.33
CA HIS A 97 1.60 -1.14 3.98
C HIS A 97 0.70 -2.34 4.27
N THR A 98 -0.32 -2.54 3.46
CA THR A 98 -1.02 -3.83 3.50
C THR A 98 -0.07 -4.98 3.22
N HIS A 99 -0.26 -6.10 3.92
CA HIS A 99 0.59 -7.27 3.71
C HIS A 99 -0.14 -8.36 2.91
N SER A 100 -1.22 -7.97 2.22
CA SER A 100 -2.06 -8.95 1.53
C SER A 100 -2.19 -8.69 0.05
N GLY A 101 -1.14 -8.13 -0.56
CA GLY A 101 -1.09 -8.04 -2.04
C GLY A 101 -0.01 -8.92 -2.62
N PRO A 102 -0.12 -9.24 -3.93
CA PRO A 102 0.93 -9.98 -4.64
C PRO A 102 2.23 -9.19 -4.67
N GLY A 103 3.34 -9.89 -4.47
CA GLY A 103 4.67 -9.25 -4.48
C GLY A 103 5.36 -9.30 -5.83
N GLY A 104 6.65 -8.94 -5.82
CA GLY A 104 7.48 -9.02 -7.03
C GLY A 104 7.57 -7.73 -7.80
N PHE A 105 7.31 -6.60 -7.15
CA PHE A 105 7.33 -5.34 -7.85
C PHE A 105 8.42 -4.36 -7.42
N SER A 106 9.42 -4.89 -6.73
CA SER A 106 10.69 -4.20 -6.50
C SER A 106 11.67 -4.59 -7.57
N HIS A 107 12.73 -3.80 -7.71
CA HIS A 107 13.88 -4.27 -8.49
C HIS A 107 15.07 -4.69 -7.61
N TYR A 108 14.90 -4.56 -6.30
CA TYR A 108 15.92 -4.98 -5.32
C TYR A 108 15.64 -6.36 -4.78
N ALA A 109 16.67 -7.21 -4.84
CA ALA A 109 16.46 -8.63 -4.60
C ALA A 109 15.86 -8.94 -3.23
N MET A 110 16.28 -8.23 -2.18
CA MET A 110 15.82 -8.47 -0.82
CA MET A 110 15.81 -8.59 -0.86
C MET A 110 14.29 -8.52 -0.73
N TYR A 111 13.66 -7.58 -1.44
CA TYR A 111 12.21 -7.42 -1.31
C TYR A 111 11.41 -8.38 -2.20
N ASN A 112 12.11 -9.03 -3.13
CA ASN A 112 11.50 -10.04 -3.99
C ASN A 112 11.80 -11.50 -3.57
N LEU A 113 12.61 -11.68 -2.51
CA LEU A 113 13.12 -13.01 -2.15
C LEU A 113 12.04 -14.08 -2.01
N SER A 114 11.04 -13.83 -1.19
CA SER A 114 10.01 -14.86 -0.92
C SER A 114 9.07 -15.08 -2.12
N VAL A 115 9.07 -14.12 -3.05
CA VAL A 115 8.22 -14.15 -4.24
C VAL A 115 8.92 -14.90 -5.39
N LEU A 116 10.20 -15.23 -5.17
CA LEU A 116 11.08 -15.92 -6.15
C LEU A 116 11.48 -15.00 -7.30
N GLY A 117 11.40 -13.68 -7.09
CA GLY A 117 11.91 -12.72 -8.06
C GLY A 117 10.84 -11.72 -8.51
N PHE A 118 11.13 -11.09 -9.66
CA PHE A 118 10.33 -10.00 -10.21
C PHE A 118 9.11 -10.54 -10.96
N GLN A 119 7.94 -9.96 -10.69
CA GLN A 119 6.71 -10.40 -11.31
C GLN A 119 6.21 -9.26 -12.20
N GLU A 120 6.58 -9.33 -13.48
CA GLU A 120 6.33 -8.20 -14.38
CA GLU A 120 6.31 -8.26 -14.46
C GLU A 120 4.85 -7.82 -14.51
N LYS A 121 3.92 -8.79 -14.53
CA LYS A 121 2.52 -8.44 -14.73
C LYS A 121 1.96 -7.62 -13.55
N THR A 122 2.36 -7.98 -12.34
CA THR A 122 1.92 -7.25 -11.16
C THR A 122 2.57 -5.86 -11.12
N PHE A 123 3.87 -5.82 -11.40
CA PHE A 123 4.58 -4.53 -11.51
C PHE A 123 3.90 -3.59 -12.51
N ASN A 124 3.65 -4.11 -13.70
CA ASN A 124 3.08 -3.27 -14.73
C ASN A 124 1.67 -2.78 -14.36
N ALA A 125 0.86 -3.62 -13.70
CA ALA A 125 -0.49 -3.20 -13.28
C ALA A 125 -0.43 -2.05 -12.28
N ILE A 126 0.57 -2.13 -11.40
CA ILE A 126 0.75 -1.11 -10.36
C ILE A 126 1.13 0.24 -10.99
N VAL A 127 2.13 0.20 -11.88
CA VAL A 127 2.55 1.42 -12.57
C VAL A 127 1.39 2.01 -13.36
N ASP A 128 0.74 1.15 -14.12
CA ASP A 128 -0.34 1.62 -15.00
C ASP A 128 -1.50 2.20 -14.21
N GLY A 129 -1.87 1.56 -13.11
CA GLY A 129 -2.98 2.06 -12.29
C GLY A 129 -2.66 3.34 -11.53
N ILE A 130 -1.41 3.49 -11.08
CA ILE A 130 -1.02 4.76 -10.45
C ILE A 130 -1.16 5.88 -11.47
N VAL A 131 -0.62 5.65 -12.67
CA VAL A 131 -0.76 6.68 -13.72
C VAL A 131 -2.25 6.95 -14.03
N ARG A 132 -3.06 5.92 -14.13
CA ARG A 132 -4.50 6.10 -14.44
C ARG A 132 -5.17 6.89 -13.32
N SER A 133 -4.76 6.68 -12.07
CA SER A 133 -5.41 7.43 -10.95
C SER A 133 -5.15 8.94 -11.08
N ILE A 134 -3.94 9.30 -11.52
CA ILE A 134 -3.56 10.70 -11.69
C ILE A 134 -4.29 11.29 -12.87
N GLU A 135 -4.39 10.54 -13.96
CA GLU A 135 -5.15 10.96 -15.14
C GLU A 135 -6.60 11.25 -14.77
N ARG A 136 -7.19 10.36 -13.96
CA ARG A 136 -8.56 10.54 -13.54
C ARG A 136 -8.70 11.76 -12.64
N ALA A 137 -7.78 11.92 -11.70
CA ALA A 137 -7.80 13.06 -10.81
C ALA A 137 -7.68 14.38 -11.55
N GLN A 138 -6.71 14.49 -12.46
CA GLN A 138 -6.52 15.74 -13.16
C GLN A 138 -7.67 16.08 -14.11
N ALA A 139 -8.44 15.09 -14.54
CA ALA A 139 -9.62 15.35 -15.41
C ALA A 139 -10.85 15.78 -14.59
N ARG A 140 -10.71 15.78 -13.26
CA ARG A 140 -11.81 16.12 -12.36
C ARG A 140 -11.49 17.34 -11.49
N LEU A 141 -10.57 18.18 -11.95
CA LEU A 141 -10.23 19.37 -11.17
C LEU A 141 -11.45 20.26 -10.93
N GLN A 142 -11.56 20.77 -9.71
CA GLN A 142 -12.70 21.63 -9.32
C GLN A 142 -12.23 22.62 -8.25
N PRO A 143 -12.84 23.81 -8.19
CA PRO A 143 -12.49 24.76 -7.15
C PRO A 143 -12.92 24.30 -5.77
N GLY A 144 -12.15 24.62 -4.74
CA GLY A 144 -12.51 24.20 -3.41
C GLY A 144 -11.62 24.78 -2.34
N ARG A 145 -11.91 24.32 -1.14
CA ARG A 145 -11.21 24.70 0.07
C ARG A 145 -10.60 23.45 0.69
N LEU A 146 -9.52 23.67 1.41
CA LEU A 146 -8.82 22.61 2.13
C LEU A 146 -8.86 22.90 3.63
N PHE A 147 -9.21 21.88 4.39
CA PHE A 147 -9.13 21.98 5.85
C PHE A 147 -8.22 20.93 6.45
N TYR A 148 -7.61 21.29 7.56
CA TYR A 148 -6.73 20.39 8.32
C TYR A 148 -7.27 20.21 9.75
N GLY A 149 -7.17 19.01 10.29
CA GLY A 149 -7.45 18.81 11.71
C GLY A 149 -6.66 17.62 12.22
N SER A 150 -6.58 17.51 13.54
CA SER A 150 -5.94 16.38 14.16
C SER A 150 -6.68 15.96 15.43
N GLY A 151 -6.43 14.72 15.86
CA GLY A 151 -7.03 14.21 17.09
C GLY A 151 -6.30 12.96 17.54
N GLU A 152 -6.66 12.50 18.73
CA GLU A 152 -5.96 11.38 19.32
CA GLU A 152 -5.99 11.40 19.40
C GLU A 152 -6.80 10.13 19.23
N LEU A 153 -6.22 9.10 18.60
CA LEU A 153 -6.90 7.80 18.43
C LEU A 153 -6.21 6.79 19.38
N ARG A 154 -6.92 6.36 20.42
CA ARG A 154 -6.31 5.62 21.55
C ARG A 154 -6.11 4.10 21.43
N ASN A 155 -7.11 3.43 20.88
CA ASN A 155 -7.35 1.98 21.04
C ASN A 155 -7.23 1.18 19.70
N ALA A 156 -6.59 1.79 18.71
CA ALA A 156 -6.47 1.13 17.39
C ALA A 156 -5.11 0.42 17.19
N SER A 157 -4.09 0.81 17.96
CA SER A 157 -2.72 0.35 17.77
C SER A 157 -2.03 0.00 19.06
N ARG A 158 -0.90 -0.68 18.94
CA ARG A 158 -0.07 -1.01 20.10
CA ARG A 158 -0.06 -0.97 20.10
C ARG A 158 1.38 -1.10 19.65
N ASN A 159 2.31 -0.80 20.54
CA ASN A 159 3.71 -0.90 20.20
C ASN A 159 4.16 -2.35 20.29
N ARG A 160 4.79 -2.84 19.23
CA ARG A 160 5.20 -4.25 19.18
C ARG A 160 6.65 -4.46 19.62
N SER A 161 7.33 -3.36 19.91
CA SER A 161 8.72 -3.41 20.38
C SER A 161 8.92 -2.39 21.50
N LEU A 162 8.12 -2.54 22.55
CA LEU A 162 8.07 -1.55 23.62
C LEU A 162 9.40 -1.44 24.40
N LEU A 163 10.12 -2.54 24.49
CA LEU A 163 11.40 -2.53 25.21
C LEU A 163 12.37 -1.51 24.59
N SER A 164 12.41 -1.47 23.24
CA SER A 164 13.30 -0.57 22.53
C SER A 164 12.80 0.87 22.62
N HIS A 165 11.48 1.04 22.54
CA HIS A 165 10.89 2.38 22.59
C HIS A 165 11.24 3.07 23.93
N LEU A 166 11.21 2.29 24.99
CA LEU A 166 11.49 2.78 26.34
C LEU A 166 12.95 3.14 26.55
N LYS A 167 13.83 2.80 25.60
CA LYS A 167 15.23 3.19 25.71
C LYS A 167 15.43 4.66 25.32
N ASN A 168 14.44 5.29 24.69
CA ASN A 168 14.54 6.71 24.33
C ASN A 168 14.37 7.59 25.56
N PRO A 169 15.22 8.63 25.69
CA PRO A 169 15.11 9.52 26.85
C PRO A 169 14.01 10.57 26.72
N ASP A 170 13.37 10.63 25.55
CA ASP A 170 12.49 11.74 25.20
C ASP A 170 11.07 11.31 24.80
N ILE A 171 10.42 10.50 25.62
CA ILE A 171 9.12 9.92 25.22
C ILE A 171 7.88 10.52 25.88
N ALA A 172 7.97 11.73 26.41
CA ALA A 172 6.76 12.38 26.95
C ALA A 172 5.71 12.53 25.86
N GLY A 173 4.48 12.12 26.18
CA GLY A 173 3.39 12.11 25.20
C GLY A 173 3.31 10.79 24.43
N TYR A 174 4.30 9.91 24.64
CA TYR A 174 4.37 8.59 23.97
C TYR A 174 4.75 7.48 24.95
N GLU A 175 4.34 7.66 26.21
CA GLU A 175 4.69 6.74 27.30
CA GLU A 175 4.71 6.73 27.28
C GLU A 175 4.06 5.36 27.17
N ASP A 176 2.97 5.28 26.39
CA ASP A 176 2.29 4.00 26.06
C ASP A 176 2.91 3.31 24.82
N GLY A 177 3.91 3.96 24.21
CA GLY A 177 4.56 3.44 23.00
C GLY A 177 3.81 3.68 21.68
N ILE A 178 2.69 4.39 21.78
CA ILE A 178 1.75 4.66 20.69
C ILE A 178 1.93 6.09 20.20
N ASP A 179 1.83 6.31 18.89
CA ASP A 179 1.63 7.65 18.39
C ASP A 179 0.14 7.78 18.10
N PRO A 180 -0.59 8.48 18.96
CA PRO A 180 -2.04 8.44 18.84
C PRO A 180 -2.54 9.46 17.82
N GLN A 181 -1.63 10.25 17.25
CA GLN A 181 -2.09 11.36 16.42
C GLN A 181 -2.58 10.91 15.05
N MET A 182 -3.84 11.22 14.77
CA MET A 182 -4.34 11.17 13.41
C MET A 182 -4.52 12.60 12.87
N SER A 183 -4.04 12.85 11.66
CA SER A 183 -4.22 14.13 10.97
C SER A 183 -5.12 13.88 9.77
N VAL A 184 -5.97 14.85 9.44
CA VAL A 184 -6.84 14.73 8.27
C VAL A 184 -6.77 15.99 7.44
N LEU A 185 -6.48 15.82 6.14
CA LEU A 185 -6.65 16.89 5.14
C LEU A 185 -7.96 16.62 4.39
N SER A 186 -8.91 17.56 4.55
CA SER A 186 -10.19 17.39 3.89
CA SER A 186 -10.25 17.49 3.97
C SER A 186 -10.31 18.33 2.71
N PHE A 187 -11.02 17.82 1.71
CA PHE A 187 -11.22 18.52 0.45
C PHE A 187 -12.68 18.89 0.33
N VAL A 188 -12.95 20.18 0.41
CA VAL A 188 -14.33 20.68 0.49
C VAL A 188 -14.66 21.40 -0.81
N ASP A 189 -15.73 20.99 -1.48
CA ASP A 189 -16.08 21.55 -2.78
C ASP A 189 -16.81 22.90 -2.68
N ALA A 190 -17.13 23.47 -3.85
CA ALA A 190 -17.79 24.77 -3.94
C ALA A 190 -19.18 24.80 -3.30
N ASN A 191 -19.69 23.64 -2.92
CA ASN A 191 -20.96 23.52 -2.18
C ASN A 191 -20.98 23.63 -0.62
N GLY A 192 -19.92 23.90 0.13
CA GLY A 192 -18.92 23.04 0.64
C GLY A 192 -19.44 21.78 1.30
N GLU A 193 -19.47 20.80 0.43
CA GLU A 193 -19.67 19.45 0.81
C GLU A 193 -18.30 18.77 0.76
N LEU A 194 -18.09 17.84 1.67
CA LEU A 194 -16.87 17.06 1.69
C LEU A 194 -16.76 16.15 0.46
N ALA A 195 -15.74 16.39 -0.36
CA ALA A 195 -15.53 15.62 -1.59
C ALA A 195 -14.51 14.47 -1.45
N GLY A 196 -13.60 14.60 -0.48
CA GLY A 196 -12.63 13.53 -0.27
C GLY A 196 -11.78 13.93 0.93
N ALA A 197 -10.88 13.03 1.32
CA ALA A 197 -10.06 13.25 2.50
C ALA A 197 -8.86 12.33 2.51
N ILE A 198 -7.79 12.79 3.14
CA ILE A 198 -6.63 11.95 3.44
C ILE A 198 -6.45 11.93 4.95
N SER A 199 -6.45 10.73 5.51
CA SER A 199 -6.17 10.51 6.96
C SER A 199 -4.76 9.94 7.12
N TRP A 200 -3.96 10.51 8.04
CA TRP A 200 -2.64 9.94 8.36
C TRP A 200 -2.65 9.46 9.78
N PHE A 201 -2.34 8.19 9.96
CA PHE A 201 -2.32 7.57 11.29
C PHE A 201 -1.45 6.31 11.22
N PRO A 202 -0.52 6.13 12.17
CA PRO A 202 0.38 4.95 12.03
C PRO A 202 -0.14 3.69 12.69
N VAL A 203 -0.27 2.63 11.89
CA VAL A 203 -0.58 1.29 12.41
C VAL A 203 -0.32 0.30 11.29
N HIS A 204 0.46 -0.75 11.55
CA HIS A 204 0.66 -1.78 10.53
C HIS A 204 -0.66 -2.31 9.98
N SER A 205 -0.71 -2.44 8.66
CA SER A 205 -1.88 -2.98 7.99
C SER A 205 -1.72 -4.49 7.83
N THR A 206 -1.79 -5.17 8.97
CA THR A 206 -1.44 -6.59 9.08
C THR A 206 -2.56 -7.35 9.77
N SER A 207 -3.78 -6.80 9.75
CA SER A 207 -4.90 -7.52 10.35
C SER A 207 -5.17 -8.87 9.64
N MET A 208 -4.97 -8.91 8.32
CA MET A 208 -5.03 -10.17 7.57
C MET A 208 -3.64 -10.78 7.70
N THR A 209 -3.57 -12.00 8.25
CA THR A 209 -2.33 -12.62 8.65
C THR A 209 -1.65 -13.37 7.51
N ASN A 210 -0.48 -13.93 7.82
CA ASN A 210 0.25 -14.74 6.83
C ASN A 210 -0.43 -16.06 6.46
N ALA A 211 -1.54 -16.36 7.13
CA ALA A 211 -2.37 -17.52 6.78
C ALA A 211 -3.38 -17.24 5.67
N ASN A 212 -3.56 -15.96 5.36
CA ASN A 212 -4.56 -15.57 4.40
C ASN A 212 -3.98 -15.54 2.99
N HIS A 213 -4.78 -15.95 2.01
CA HIS A 213 -4.30 -15.99 0.64
C HIS A 213 -5.11 -15.09 -0.28
N LEU A 214 -6.13 -14.41 0.26
CA LEU A 214 -6.93 -13.52 -0.58
C LEU A 214 -6.34 -12.12 -0.61
N ILE A 215 -6.32 -11.51 -1.79
CA ILE A 215 -5.86 -10.13 -1.92
C ILE A 215 -6.75 -9.24 -1.09
N SER A 216 -6.12 -8.35 -0.33
CA SER A 216 -6.89 -7.44 0.50
C SER A 216 -6.06 -6.18 0.80
N PRO A 217 -6.72 -5.02 0.84
CA PRO A 217 -6.08 -3.79 1.26
C PRO A 217 -6.09 -3.61 2.80
N ASP A 218 -6.54 -4.64 3.51
CA ASP A 218 -6.37 -4.73 4.97
C ASP A 218 -7.07 -3.61 5.71
N ASN A 219 -6.63 -3.27 6.94
CA ASN A 219 -7.48 -2.41 7.74
C ASN A 219 -7.63 -0.99 7.18
N LYS A 220 -6.55 -0.42 6.64
CA LYS A 220 -6.65 0.92 6.04
C LYS A 220 -7.51 0.89 4.79
N GLY A 221 -7.43 -0.19 4.05
CA GLY A 221 -8.28 -0.36 2.88
C GLY A 221 -9.75 -0.48 3.25
N TYR A 222 -10.05 -1.14 4.38
CA TYR A 222 -11.43 -1.21 4.83
C TYR A 222 -11.93 0.18 5.25
N ALA A 223 -11.08 0.94 5.94
CA ALA A 223 -11.48 2.32 6.29
C ALA A 223 -11.85 3.14 5.05
N SER A 224 -11.04 3.08 3.99
CA SER A 224 -11.34 3.81 2.75
C SER A 224 -12.65 3.32 2.16
N TYR A 225 -12.80 1.99 2.08
CA TYR A 225 -13.99 1.40 1.45
C TYR A 225 -15.20 1.79 2.29
N HIS A 226 -15.11 1.69 3.61
CA HIS A 226 -16.28 2.03 4.42
C HIS A 226 -16.70 3.49 4.14
N TRP A 227 -15.74 4.41 4.09
CA TRP A 227 -16.09 5.81 3.82
C TRP A 227 -16.71 6.00 2.43
N GLU A 228 -16.03 5.46 1.42
CA GLU A 228 -16.45 5.65 0.02
C GLU A 228 -17.76 4.94 -0.32
N HIS A 229 -17.91 3.72 0.17
CA HIS A 229 -19.01 2.83 -0.22
C HIS A 229 -20.17 2.86 0.76
N ASP A 230 -19.89 2.89 2.06
CA ASP A 230 -20.98 2.76 3.06
C ASP A 230 -21.44 4.11 3.63
N VAL A 231 -20.56 5.12 3.65
CA VAL A 231 -20.83 6.36 4.40
C VAL A 231 -21.21 7.59 3.52
N SER A 232 -20.31 8.02 2.64
CA SER A 232 -20.63 9.12 1.68
C SER A 232 -21.74 8.47 0.81
N ARG A 233 -23.01 8.84 0.86
CA ARG A 233 -23.78 9.79 0.05
C ARG A 233 -23.37 10.51 -1.26
N LYS A 234 -22.18 11.09 -1.32
CA LYS A 234 -21.74 11.81 -2.50
C LYS A 234 -20.89 10.91 -3.40
N SER A 235 -21.02 11.06 -4.71
N SER A 235 -21.02 11.02 -4.72
CA SER A 235 -20.08 10.44 -5.66
CA SER A 235 -20.08 10.34 -5.63
C SER A 235 -19.24 11.50 -6.40
C SER A 235 -18.94 11.27 -6.05
N GLY A 236 -17.98 11.21 -6.73
N GLY A 236 -17.84 10.77 -6.62
CA GLY A 236 -17.28 9.99 -6.28
CA GLY A 236 -17.19 9.55 -6.25
C GLY A 236 -16.28 10.34 -5.18
C GLY A 236 -16.21 10.09 -5.20
N PHE A 237 -16.64 9.96 -3.96
CA PHE A 237 -15.83 10.27 -2.80
C PHE A 237 -14.54 9.46 -2.87
N VAL A 238 -13.42 10.13 -2.54
CA VAL A 238 -12.15 9.42 -2.39
C VAL A 238 -11.59 9.66 -1.01
N ALA A 239 -11.40 8.57 -0.28
CA ALA A 239 -10.81 8.60 1.07
C ALA A 239 -9.56 7.77 1.10
N ALA A 240 -8.43 8.41 1.37
CA ALA A 240 -7.16 7.69 1.56
C ALA A 240 -6.84 7.59 3.06
N PHE A 241 -6.43 6.39 3.50
CA PHE A 241 -5.88 6.20 4.82
C PHE A 241 -4.41 5.89 4.65
N ALA A 242 -3.59 6.88 5.00
CA ALA A 242 -2.13 6.85 4.85
C ALA A 242 -1.42 6.59 6.19
N GLN A 243 -0.16 6.19 6.08
CA GLN A 243 0.70 5.93 7.25
C GLN A 243 1.49 7.16 7.71
N THR A 244 1.94 7.16 8.96
CA THR A 244 3.00 8.07 9.41
C THR A 244 4.26 7.29 9.79
N ASN A 245 4.56 7.22 11.08
CA ASN A 245 5.71 6.51 11.58
C ASN A 245 5.19 5.26 12.29
N ALA A 246 5.05 4.17 11.53
CA ALA A 246 4.40 2.94 12.01
C ALA A 246 5.36 1.75 12.21
N GLY A 247 6.66 2.01 12.17
CA GLY A 247 7.64 0.93 12.15
C GLY A 247 7.48 -0.05 13.31
N ASN A 248 7.12 0.47 14.49
CA ASN A 248 7.01 -0.40 15.65
C ASN A 248 5.58 -0.48 16.19
N LEU A 249 4.59 -0.25 15.29
CA LEU A 249 3.18 -0.23 15.70
C LEU A 249 2.34 -1.27 14.96
N SER A 250 1.66 -2.10 15.75
CA SER A 250 0.76 -3.14 15.27
C SER A 250 -0.69 -2.78 15.55
N PRO A 251 -1.64 -3.44 14.85
CA PRO A 251 -3.04 -3.27 15.27
C PRO A 251 -3.19 -3.71 16.73
N ASN A 252 -4.05 -3.01 17.44
CA ASN A 252 -4.39 -3.46 18.79
C ASN A 252 -5.16 -4.78 18.71
N LEU A 253 -5.09 -5.59 19.78
CA LEU A 253 -5.98 -6.74 19.91
C LEU A 253 -7.44 -6.35 19.80
N ASN A 254 -8.23 -7.22 19.17
CA ASN A 254 -9.66 -6.96 19.05
C ASN A 254 -10.43 -7.70 20.13
N LEU A 255 -10.72 -6.97 21.22
CA LEU A 255 -11.42 -7.56 22.36
C LEU A 255 -12.86 -7.08 22.46
N LYS A 256 -13.43 -6.70 21.32
CA LYS A 256 -14.84 -6.35 21.26
C LYS A 256 -15.71 -7.52 21.71
N PRO A 257 -16.88 -7.24 22.33
CA PRO A 257 -17.73 -8.30 22.88
C PRO A 257 -17.97 -9.45 21.91
N GLY A 258 -17.87 -10.67 22.44
CA GLY A 258 -18.19 -11.89 21.69
C GLY A 258 -17.12 -12.34 20.74
N SER A 259 -15.97 -11.65 20.75
CA SER A 259 -14.89 -12.02 19.86
C SER A 259 -13.66 -12.46 20.63
N GLY A 260 -13.03 -13.52 20.17
CA GLY A 260 -11.66 -13.83 20.56
C GLY A 260 -10.75 -13.12 19.55
N PRO A 261 -9.52 -12.79 19.95
CA PRO A 261 -8.85 -11.83 19.06
C PRO A 261 -8.03 -12.08 17.75
N PHE A 262 -7.23 -13.12 17.47
CA PHE A 262 -7.42 -14.52 16.99
C PHE A 262 -8.60 -15.24 16.26
N ASP A 263 -9.86 -14.95 16.55
CA ASP A 263 -10.92 -15.85 16.01
C ASP A 263 -11.17 -15.64 14.52
N ASN A 264 -11.04 -14.39 14.08
CA ASN A 264 -11.45 -14.05 12.74
C ASN A 264 -10.69 -12.81 12.25
N GLU A 265 -9.77 -13.04 11.31
CA GLU A 265 -8.97 -11.94 10.76
CA GLU A 265 -8.98 -11.97 10.71
C GLU A 265 -9.81 -10.93 9.95
N PHE A 266 -10.87 -11.39 9.31
CA PHE A 266 -11.75 -10.47 8.63
C PHE A 266 -12.45 -9.54 9.62
N ASP A 267 -12.96 -10.10 10.72
CA ASP A 267 -13.57 -9.28 11.78
C ASP A 267 -12.55 -8.26 12.29
N ASN A 268 -11.31 -8.70 12.50
CA ASN A 268 -10.23 -7.83 13.02
C ASN A 268 -9.93 -6.70 12.04
N THR A 269 -9.86 -7.04 10.76
CA THR A 269 -9.60 -6.05 9.70
C THR A 269 -10.69 -4.98 9.69
N ARG A 270 -11.93 -5.43 9.76
CA ARG A 270 -13.08 -4.53 9.78
CA ARG A 270 -13.09 -4.52 9.78
C ARG A 270 -13.08 -3.64 11.02
N GLU A 271 -12.81 -4.23 12.18
CA GLU A 271 -12.83 -3.50 13.44
C GLU A 271 -11.75 -2.43 13.51
N ILE A 272 -10.52 -2.79 13.18
CA ILE A 272 -9.40 -1.82 13.22
C ILE A 272 -9.60 -0.76 12.14
N GLY A 273 -10.11 -1.17 10.98
CA GLY A 273 -10.49 -0.18 9.97
C GLY A 273 -11.55 0.78 10.47
N LEU A 274 -12.57 0.24 11.11
CA LEU A 274 -13.64 1.10 11.63
CA LEU A 274 -13.64 1.07 11.65
C LEU A 274 -13.15 2.07 12.70
N ARG A 275 -12.21 1.62 13.54
CA ARG A 275 -11.67 2.52 14.57
C ARG A 275 -10.96 3.72 13.95
N GLN A 276 -10.23 3.46 12.87
CA GLN A 276 -9.54 4.55 12.14
C GLN A 276 -10.55 5.43 11.43
N PHE A 277 -11.50 4.81 10.75
CA PHE A 277 -12.53 5.55 10.06
C PHE A 277 -13.25 6.51 11.02
N ALA A 278 -13.63 6.00 12.20
CA ALA A 278 -14.49 6.78 13.09
C ALA A 278 -13.78 8.06 13.52
N LYS A 279 -12.48 7.94 13.78
CA LYS A 279 -11.70 9.10 14.18
C LYS A 279 -11.52 10.08 13.02
N ALA A 280 -11.27 9.55 11.81
CA ALA A 280 -11.06 10.43 10.64
C ALA A 280 -12.32 11.21 10.35
N TYR A 281 -13.45 10.51 10.44
CA TYR A 281 -14.73 11.14 10.18
C TYR A 281 -15.02 12.23 11.21
N GLU A 282 -14.71 11.94 12.48
CA GLU A 282 -14.87 12.91 13.58
C GLU A 282 -14.02 14.15 13.30
N ILE A 283 -12.75 13.94 12.96
CA ILE A 283 -11.85 15.09 12.76
C ILE A 283 -12.31 15.92 11.55
N ALA A 284 -12.57 15.25 10.43
CA ALA A 284 -13.02 15.96 9.22
C ALA A 284 -14.24 16.80 9.56
N GLY A 285 -15.13 16.25 10.39
CA GLY A 285 -16.40 16.90 10.73
C GLY A 285 -16.20 18.19 11.48
N GLN A 286 -15.07 18.28 12.19
CA GLN A 286 -14.69 19.49 12.96
C GLN A 286 -14.12 20.64 12.10
N ALA A 287 -13.67 20.35 10.86
CA ALA A 287 -13.07 21.33 9.93
C ALA A 287 -12.21 22.33 10.71
N GLN A 288 -11.17 21.82 11.34
CA GLN A 288 -10.56 22.54 12.47
C GLN A 288 -9.88 23.84 12.06
N GLU A 289 -9.15 23.79 10.96
CA GLU A 289 -8.33 24.92 10.54
C GLU A 289 -8.34 24.96 9.03
N GLU A 290 -8.71 26.09 8.41
CA GLU A 290 -8.61 26.16 6.95
C GLU A 290 -7.13 26.27 6.53
N VAL A 291 -6.75 25.48 5.53
CA VAL A 291 -5.42 25.55 4.92
C VAL A 291 -5.40 26.70 3.91
N LEU A 292 -4.47 27.63 4.11
CA LEU A 292 -4.29 28.77 3.24
C LEU A 292 -2.81 29.04 2.99
N GLY A 293 -2.51 29.47 1.78
CA GLY A 293 -1.14 29.84 1.43
C GLY A 293 -0.57 29.04 0.27
N GLU A 294 0.71 29.24 0.01
CA GLU A 294 1.35 28.73 -1.19
C GLU A 294 1.47 27.21 -1.22
N LEU A 295 1.59 26.68 -2.43
CA LEU A 295 2.07 25.32 -2.62
C LEU A 295 3.54 25.40 -3.01
N ASP A 296 4.34 24.48 -2.49
CA ASP A 296 5.75 24.41 -2.84
C ASP A 296 6.20 22.99 -2.60
N SER A 297 7.40 22.69 -3.08
CA SER A 297 7.95 21.37 -2.83
C SER A 297 9.44 21.32 -3.07
N ARG A 298 10.07 20.28 -2.52
CA ARG A 298 11.46 19.96 -2.86
C ARG A 298 11.60 18.45 -2.94
N PHE A 299 12.60 18.01 -3.70
CA PHE A 299 12.85 16.59 -3.88
C PHE A 299 14.33 16.41 -4.19
N ARG A 300 14.90 15.33 -3.64
CA ARG A 300 16.28 14.97 -3.90
C ARG A 300 16.45 13.47 -3.84
N PHE A 301 17.08 12.87 -4.85
CA PHE A 301 17.69 11.55 -4.65
C PHE A 301 19.03 11.71 -3.91
N VAL A 302 19.19 10.98 -2.83
CA VAL A 302 20.40 11.06 -1.98
C VAL A 302 21.17 9.75 -2.02
N ASP A 303 22.45 9.82 -2.34
CA ASP A 303 23.30 8.65 -2.26
C ASP A 303 23.68 8.38 -0.77
N PHE A 304 23.16 7.28 -0.24
CA PHE A 304 23.36 6.94 1.18
C PHE A 304 24.75 6.37 1.46
N THR A 305 25.46 5.95 0.42
CA THR A 305 26.79 5.32 0.59
C THR A 305 27.79 6.35 1.11
N ARG A 306 28.38 6.05 2.28
CA ARG A 306 29.28 6.95 3.02
CA ARG A 306 29.32 6.96 2.95
C ARG A 306 28.76 8.38 3.18
N LEU A 307 27.45 8.49 3.43
CA LEU A 307 26.86 9.78 3.69
C LEU A 307 27.35 10.39 5.01
N PRO A 308 27.98 11.57 4.94
CA PRO A 308 28.43 12.23 6.17
C PRO A 308 27.26 12.80 6.96
N ILE A 309 27.31 12.61 8.27
CA ILE A 309 26.30 13.15 9.17
C ILE A 309 26.94 14.15 10.12
N ARG A 310 26.37 15.36 10.17
CA ARG A 310 26.93 16.42 11.00
C ARG A 310 26.70 16.15 12.49
N PRO A 311 27.65 16.56 13.35
CA PRO A 311 27.53 16.29 14.79
C PRO A 311 26.25 16.74 15.48
N GLU A 312 25.60 17.80 14.97
CA GLU A 312 24.34 18.27 15.54
CA GLU A 312 24.30 18.29 15.47
C GLU A 312 23.24 17.19 15.58
N PHE A 313 23.39 16.15 14.75
CA PHE A 313 22.36 15.10 14.65
C PHE A 313 22.75 13.77 15.31
N THR A 314 24.02 13.65 15.72
CA THR A 314 24.52 12.40 16.26
C THR A 314 24.73 12.50 17.78
N ASP A 315 25.78 11.86 18.27
CA ASP A 315 26.16 11.94 19.69
C ASP A 315 26.99 13.19 19.96
N GLY A 316 27.41 13.86 18.89
CA GLY A 316 28.24 15.06 18.99
C GLY A 316 29.54 14.93 18.24
N GLN A 317 29.73 13.76 17.63
CA GLN A 317 30.86 13.51 16.75
C GLN A 317 30.36 13.41 15.32
N PRO A 318 31.20 13.79 14.34
CA PRO A 318 30.86 13.51 12.95
C PRO A 318 30.74 12.01 12.70
N ARG A 319 29.71 11.61 11.95
CA ARG A 319 29.49 10.19 11.65
C ARG A 319 29.31 9.99 10.14
N GLN A 320 29.34 8.74 9.72
CA GLN A 320 29.06 8.37 8.32
C GLN A 320 28.21 7.13 8.32
N LEU A 321 27.21 7.08 7.42
CA LEU A 321 26.40 5.87 7.31
C LEU A 321 27.26 4.70 6.84
N CYS A 322 26.86 3.48 7.23
CA CYS A 322 27.42 2.20 6.78
CA CYS A 322 27.56 2.39 6.59
C CYS A 322 26.70 1.76 5.52
N THR A 323 27.32 0.89 4.75
CA THR A 323 26.59 0.22 3.69
C THR A 323 25.59 -0.74 4.33
N ALA A 324 24.60 -1.18 3.58
CA ALA A 324 23.46 -1.88 4.14
C ALA A 324 23.78 -3.26 4.67
N ALA A 325 23.15 -3.61 5.79
CA ALA A 325 23.24 -4.95 6.32
C ALA A 325 22.02 -5.25 7.15
N ILE A 326 21.59 -6.50 7.15
CA ILE A 326 20.52 -6.98 8.01
C ILE A 326 21.09 -7.77 9.17
N GLY A 327 20.55 -7.54 10.36
CA GLY A 327 21.01 -8.21 11.57
C GLY A 327 20.17 -9.41 11.94
N THR A 328 20.67 -10.20 12.89
CA THR A 328 19.97 -11.38 13.41
C THR A 328 18.86 -10.94 14.36
N LEU A 344 11.25 -22.23 4.32
CA LEU A 344 11.52 -20.86 3.89
C LEU A 344 12.99 -20.58 3.61
N GLU A 345 13.56 -21.27 2.64
CA GLU A 345 14.94 -21.01 2.26
C GLU A 345 15.83 -21.06 3.50
N GLU A 346 16.11 -22.29 3.94
CA GLU A 346 15.60 -23.47 3.24
C GLU A 346 16.30 -23.59 1.89
N GLY A 347 15.54 -23.94 0.85
CA GLY A 347 14.14 -24.32 0.98
C GLY A 347 13.13 -23.21 0.74
N ASN A 348 12.81 -22.90 -0.53
CA ASN A 348 13.41 -23.56 -1.71
C ASN A 348 14.91 -23.31 -1.88
N ASN A 349 15.38 -22.10 -2.19
CA ASN A 349 14.70 -20.97 -2.84
C ASN A 349 15.62 -20.74 -4.03
N PRO A 350 15.17 -21.06 -5.27
CA PRO A 350 16.10 -20.94 -6.39
C PRO A 350 16.54 -19.50 -6.69
N PHE A 351 15.73 -18.53 -6.29
CA PHE A 351 16.11 -17.15 -6.50
C PHE A 351 17.26 -16.77 -5.56
N LEU A 352 17.12 -17.15 -4.30
CA LEU A 352 18.20 -16.94 -3.33
C LEU A 352 19.47 -17.63 -3.83
N SER A 353 19.34 -18.85 -4.35
CA SER A 353 20.52 -19.58 -4.84
CA SER A 353 20.51 -19.59 -4.85
CA SER A 353 20.51 -19.59 -4.85
C SER A 353 21.17 -18.85 -6.02
N ALA A 354 20.36 -18.32 -6.94
CA ALA A 354 20.90 -17.54 -8.07
C ALA A 354 21.59 -16.25 -7.60
N LEU A 355 21.24 -15.78 -6.41
CA LEU A 355 21.92 -14.65 -5.84
C LEU A 355 23.18 -14.98 -5.04
N GLY A 356 23.50 -16.26 -4.86
CA GLY A 356 24.64 -16.56 -3.97
C GLY A 356 24.71 -17.70 -2.97
N GLY A 357 23.72 -17.92 -2.10
N GLY A 357 23.74 -17.90 -2.07
CA GLY A 357 22.75 -16.96 -1.65
CA GLY A 357 22.76 -16.90 -1.66
C GLY A 357 23.22 -16.39 -0.32
C GLY A 357 23.17 -16.33 -0.30
N LEU A 358 22.79 -16.99 0.79
CA LEU A 358 23.13 -16.48 2.14
C LEU A 358 24.51 -16.95 2.60
N LEU A 359 25.40 -15.99 2.88
CA LEU A 359 26.84 -16.22 3.14
CA LEU A 359 26.84 -16.24 3.14
C LEU A 359 27.69 -16.17 1.84
N THR A 360 29.01 -16.21 1.93
CA THR A 360 29.80 -16.39 3.17
C THR A 360 30.52 -15.14 3.68
N GLY A 361 30.15 -14.74 4.90
CA GLY A 361 30.93 -13.80 5.72
C GLY A 361 32.00 -14.63 6.40
N VAL A 362 32.82 -14.07 7.29
CA VAL A 362 32.69 -12.74 7.91
C VAL A 362 32.68 -11.56 6.90
N PRO A 363 31.79 -10.58 7.11
CA PRO A 363 31.76 -9.34 6.34
C PRO A 363 33.03 -8.50 6.60
N PRO A 364 33.32 -7.51 5.73
CA PRO A 364 34.47 -6.63 5.96
C PRO A 364 34.46 -6.01 7.36
N GLN A 365 35.64 -5.92 7.98
CA GLN A 365 35.79 -5.45 9.36
C GLN A 365 35.22 -4.05 9.57
N GLU A 366 35.39 -3.20 8.57
CA GLU A 366 34.91 -1.81 8.64
C GLU A 366 33.39 -1.84 8.80
N LEU A 367 32.74 -2.73 8.07
CA LEU A 367 31.28 -2.87 8.15
C LEU A 367 30.84 -3.41 9.51
N VAL A 368 31.47 -4.49 9.98
CA VAL A 368 31.18 -5.05 11.29
C VAL A 368 31.27 -3.95 12.35
N GLN A 369 32.35 -3.16 12.28
CA GLN A 369 32.57 -2.12 13.26
C GLN A 369 31.56 -1.00 13.20
N CYS A 370 31.28 -0.48 12.01
CA CYS A 370 30.27 0.56 11.69
CA CYS A 370 30.40 0.67 12.11
C CYS A 370 28.89 0.28 12.21
N GLN A 371 28.49 -0.97 11.93
CA GLN A 371 27.11 -1.43 12.23
C GLN A 371 26.80 -1.56 13.73
N ALA A 372 27.84 -1.38 14.57
CA ALA A 372 27.69 -1.20 16.03
C ALA A 372 27.06 -2.43 16.67
N GLU A 373 25.94 -2.28 17.38
CA GLU A 373 25.39 -3.42 18.11
C GLU A 373 24.73 -4.51 17.26
N LYS A 374 24.60 -4.27 15.97
CA LYS A 374 24.05 -5.28 15.08
C LYS A 374 24.97 -6.50 14.95
N THR A 375 24.36 -7.68 14.97
CA THR A 375 25.09 -8.87 14.55
CA THR A 375 25.03 -8.93 14.60
C THR A 375 24.62 -9.21 13.14
N ILE A 376 25.53 -9.02 12.21
CA ILE A 376 25.18 -9.09 10.79
C ILE A 376 24.77 -10.51 10.38
N LEU A 377 23.57 -10.60 9.79
CA LEU A 377 23.10 -11.84 9.18
C LEU A 377 23.38 -11.85 7.68
N ALA A 378 23.12 -10.71 7.04
CA ALA A 378 23.34 -10.58 5.59
C ALA A 378 23.91 -9.22 5.27
N ASP A 379 25.02 -9.22 4.54
CA ASP A 379 25.66 -8.00 4.07
C ASP A 379 25.08 -7.69 2.70
N THR A 380 23.97 -6.97 2.71
CA THR A 380 23.19 -6.75 1.45
C THR A 380 23.84 -5.69 0.54
N GLY A 381 24.51 -4.73 1.15
CA GLY A 381 25.13 -3.63 0.42
C GLY A 381 26.29 -4.02 -0.47
N ASN A 382 27.01 -5.07 -0.08
CA ASN A 382 28.20 -5.49 -0.82
C ASN A 382 27.95 -6.60 -1.84
N LYS A 383 26.70 -6.97 -2.03
CA LYS A 383 26.34 -8.02 -2.99
C LYS A 383 26.60 -7.55 -4.41
N LYS A 384 27.02 -8.48 -5.28
CA LYS A 384 27.37 -8.17 -6.66
C LYS A 384 26.61 -9.09 -7.60
N PRO A 385 26.24 -8.60 -8.81
CA PRO A 385 26.58 -7.30 -9.39
C PRO A 385 25.76 -6.15 -8.84
N TYR A 386 24.66 -6.47 -8.16
CA TYR A 386 23.79 -5.47 -7.57
C TYR A 386 23.57 -5.69 -6.07
N PRO A 387 23.57 -4.59 -5.30
CA PRO A 387 23.25 -4.79 -3.87
C PRO A 387 21.81 -5.29 -3.75
N TRP A 388 21.50 -6.04 -2.69
CA TRP A 388 20.14 -6.56 -2.52
C TRP A 388 19.18 -5.50 -1.99
N THR A 389 19.73 -4.37 -1.58
CA THR A 389 18.94 -3.30 -0.98
C THR A 389 19.33 -1.97 -1.64
N PRO A 390 18.43 -0.97 -1.61
CA PRO A 390 18.76 0.33 -2.26
C PRO A 390 19.90 1.12 -1.63
N THR A 391 20.48 2.01 -2.43
CA THR A 391 21.56 2.88 -2.01
C THR A 391 21.27 4.36 -2.26
N VAL A 392 20.36 4.64 -3.21
CA VAL A 392 20.06 6.03 -3.58
C VAL A 392 18.58 6.20 -3.28
N LEU A 393 18.27 7.12 -2.38
CA LEU A 393 16.91 7.18 -1.81
C LEU A 393 16.28 8.55 -1.97
N PRO A 394 14.96 8.60 -2.24
CA PRO A 394 14.28 9.87 -2.42
C PRO A 394 13.92 10.49 -1.09
N ILE A 395 14.15 11.81 -0.99
CA ILE A 395 13.71 12.60 0.13
C ILE A 395 12.83 13.71 -0.48
N GLN A 396 11.64 13.94 0.08
CA GLN A 396 10.69 14.84 -0.54
C GLN A 396 9.87 15.53 0.54
N MET A 397 9.51 16.78 0.26
CA MET A 397 8.60 17.55 1.11
CA MET A 397 8.65 17.58 1.13
C MET A 397 7.69 18.38 0.25
N PHE A 398 6.39 18.37 0.60
CA PHE A 398 5.43 19.30 -0.01
C PHE A 398 5.09 20.34 1.04
N ARG A 399 4.93 21.59 0.60
CA ARG A 399 4.30 22.59 1.45
C ARG A 399 2.89 22.82 0.88
N ILE A 400 1.88 22.71 1.76
CA ILE A 400 0.50 22.94 1.37
C ILE A 400 -0.04 23.99 2.36
N GLY A 401 0.05 25.27 2.00
CA GLY A 401 -0.27 26.33 2.96
C GLY A 401 0.58 26.24 4.23
N GLN A 402 -0.04 26.23 5.40
CA GLN A 402 0.73 26.12 6.66
C GLN A 402 1.11 24.68 7.01
N LEU A 403 0.83 23.74 6.09
CA LEU A 403 1.17 22.33 6.28
CA LEU A 403 1.16 22.33 6.30
C LEU A 403 2.44 21.96 5.53
N GLU A 404 3.25 21.10 6.14
CA GLU A 404 4.30 20.45 5.38
C GLU A 404 4.12 18.97 5.49
N LEU A 405 4.26 18.29 4.35
CA LEU A 405 4.05 16.86 4.26
C LEU A 405 5.38 16.27 3.81
N LEU A 406 5.92 15.38 4.62
CA LEU A 406 7.19 14.74 4.29
C LEU A 406 6.96 13.35 3.76
N GLY A 407 7.68 13.00 2.68
CA GLY A 407 7.58 11.66 2.14
C GLY A 407 8.92 10.98 2.42
N ALA A 408 8.90 9.93 3.26
CA ALA A 408 10.10 9.23 3.68
C ALA A 408 10.06 7.76 3.23
N PRO A 409 11.17 7.28 2.61
CA PRO A 409 11.19 5.96 1.97
C PRO A 409 11.48 4.75 2.85
N ALA A 410 10.87 4.73 4.03
CA ALA A 410 11.13 3.61 4.94
C ALA A 410 10.03 3.53 6.02
N GLU A 411 10.16 2.54 6.92
CA GLU A 411 9.28 2.39 8.09
C GLU A 411 9.95 3.02 9.28
N PHE A 412 9.45 4.15 9.75
CA PHE A 412 10.06 4.82 10.89
C PHE A 412 9.33 4.45 12.17
N THR A 413 10.08 4.17 13.23
CA THR A 413 9.42 3.96 14.51
C THR A 413 8.84 5.28 15.00
N VAL A 414 7.99 5.19 16.01
CA VAL A 414 7.33 6.40 16.55
C VAL A 414 8.36 7.51 16.81
N MET A 415 9.39 7.23 17.62
CA MET A 415 10.32 8.29 18.00
C MET A 415 11.23 8.68 16.84
N ALA A 416 11.51 7.76 15.93
CA ALA A 416 12.35 8.14 14.77
C ALA A 416 11.61 9.19 13.93
N GLY A 417 10.31 9.00 13.76
CA GLY A 417 9.49 9.94 13.00
C GLY A 417 9.21 11.23 13.78
N VAL A 418 8.87 11.06 15.05
CA VAL A 418 8.59 12.22 15.91
C VAL A 418 9.79 13.17 16.00
N ARG A 419 10.99 12.62 16.17
CA ARG A 419 12.18 13.49 16.24
C ARG A 419 12.36 14.31 14.94
N ILE A 420 12.08 13.69 13.81
CA ILE A 420 12.22 14.39 12.53
C ILE A 420 11.14 15.47 12.39
N ARG A 421 9.91 15.12 12.75
CA ARG A 421 8.81 16.06 12.76
CA ARG A 421 8.82 16.08 12.76
C ARG A 421 9.14 17.31 13.58
N ARG A 422 9.62 17.09 14.81
CA ARG A 422 10.02 18.18 15.72
CA ARG A 422 9.95 18.22 15.67
C ARG A 422 11.09 19.06 15.10
N ALA A 423 12.10 18.42 14.52
CA ALA A 423 13.24 19.15 13.97
C ALA A 423 12.81 20.00 12.77
N VAL A 424 11.97 19.41 11.91
CA VAL A 424 11.44 20.13 10.76
C VAL A 424 10.49 21.27 11.17
N GLN A 425 9.60 21.01 12.13
CA GLN A 425 8.74 22.09 12.61
C GLN A 425 9.56 23.25 13.18
N ALA A 426 10.64 22.95 13.91
CA ALA A 426 11.50 24.03 14.45
C ALA A 426 12.13 24.83 13.31
N ALA A 427 12.62 24.16 12.27
CA ALA A 427 13.24 24.82 11.14
C ALA A 427 12.23 25.59 10.29
N SER A 428 10.99 25.10 10.23
CA SER A 428 9.97 25.70 9.36
C SER A 428 9.03 26.75 9.97
N GLU A 429 9.10 26.91 11.30
CA GLU A 429 8.21 27.84 12.00
C GLU A 429 8.23 29.24 11.37
N ALA A 430 9.45 29.74 11.12
CA ALA A 430 9.63 31.07 10.53
C ALA A 430 9.04 31.21 9.13
N ALA A 431 8.85 30.08 8.43
CA ALA A 431 8.22 30.08 7.09
C ALA A 431 6.69 30.09 7.14
N GLY A 432 6.14 29.99 8.35
CA GLY A 432 4.70 30.02 8.55
C GLY A 432 4.10 28.62 8.61
N ILE A 433 4.96 27.61 8.73
CA ILE A 433 4.47 26.23 8.87
C ILE A 433 4.00 25.98 10.30
N ARG A 434 2.82 25.38 10.42
CA ARG A 434 2.23 25.11 11.74
CA ARG A 434 2.26 25.10 11.75
C ARG A 434 1.99 23.63 12.01
N HIS A 435 2.01 22.82 10.96
CA HIS A 435 1.78 21.38 11.12
C HIS A 435 2.70 20.63 10.18
N VAL A 436 3.37 19.63 10.70
CA VAL A 436 4.26 18.79 9.88
C VAL A 436 3.74 17.37 9.94
N VAL A 437 3.40 16.82 8.78
CA VAL A 437 2.90 15.45 8.71
C VAL A 437 3.99 14.55 8.12
N PHE A 438 4.33 13.48 8.82
CA PHE A 438 5.38 12.59 8.38
C PHE A 438 4.75 11.38 7.70
N ASN A 439 4.91 11.24 6.39
CA ASN A 439 4.36 10.09 5.68
C ASN A 439 5.48 9.12 5.31
N GLY A 440 5.64 8.04 6.09
CA GLY A 440 6.57 6.94 5.77
C GLY A 440 6.05 6.14 4.58
N TYR A 441 6.82 5.15 4.14
CA TYR A 441 6.42 4.28 3.02
C TYR A 441 6.20 5.08 1.73
N ALA A 442 6.99 6.12 1.51
CA ALA A 442 6.80 6.98 0.31
C ALA A 442 7.99 6.91 -0.65
N ASN A 443 7.67 6.74 -1.95
CA ASN A 443 8.60 6.87 -3.07
C ASN A 443 9.66 5.78 -3.25
N ALA A 444 10.05 5.11 -2.18
CA ALA A 444 10.91 3.91 -2.26
C ALA A 444 10.71 3.14 -0.97
N TYR A 445 11.40 2.02 -0.84
CA TYR A 445 11.34 1.28 0.41
C TYR A 445 12.71 0.80 0.81
N ALA A 446 13.16 1.23 1.98
CA ALA A 446 14.50 0.87 2.47
C ALA A 446 14.39 0.38 3.91
N SER A 447 13.45 -0.54 4.14
CA SER A 447 13.30 -1.24 5.41
C SER A 447 12.99 -0.29 6.59
N TYR A 448 13.66 -0.45 7.73
CA TYR A 448 13.23 0.21 8.97
C TYR A 448 14.16 1.32 9.44
N VAL A 449 13.61 2.26 10.20
CA VAL A 449 14.42 3.30 10.83
C VAL A 449 14.04 3.44 12.30
N THR A 450 15.06 3.24 13.11
CA THR A 450 14.98 3.21 14.53
C THR A 450 15.89 4.35 15.05
N THR A 451 15.60 4.90 16.22
CA THR A 451 16.50 5.92 16.78
C THR A 451 17.82 5.24 17.18
N ARG A 452 18.85 6.04 17.46
CA ARG A 452 20.13 5.48 17.96
C ARG A 452 19.93 4.54 19.17
N GLU A 453 19.07 4.96 20.08
CA GLU A 453 18.81 4.19 21.32
C GLU A 453 18.06 2.90 21.02
N GLU A 454 17.02 2.99 20.20
CA GLU A 454 16.31 1.79 19.78
C GLU A 454 17.24 0.83 19.04
N TYR A 455 18.07 1.37 18.15
CA TYR A 455 18.97 0.55 17.36
C TYR A 455 19.81 -0.33 18.25
N ALA A 456 20.29 0.24 19.37
CA ALA A 456 21.19 -0.51 20.27
C ALA A 456 20.55 -1.76 20.84
N ALA A 457 19.23 -1.73 21.02
CA ALA A 457 18.50 -2.87 21.55
C ALA A 457 18.39 -4.02 20.57
N GLN A 458 18.44 -3.70 19.27
CA GLN A 458 18.39 -4.72 18.19
C GLN A 458 17.20 -5.68 18.28
N GLU A 459 16.02 -5.13 18.56
CA GLU A 459 14.79 -5.86 18.31
C GLU A 459 14.57 -5.81 16.79
N TYR A 460 13.46 -6.34 16.28
CA TYR A 460 13.29 -6.57 14.85
C TYR A 460 13.60 -5.33 14.00
N GLU A 461 13.03 -4.20 14.39
CA GLU A 461 13.21 -2.95 13.66
C GLU A 461 14.66 -2.48 13.62
N GLY A 462 15.34 -2.62 14.75
N GLY A 462 15.41 -2.74 14.70
CA GLY A 462 16.79 -2.54 14.76
CA GLY A 462 16.82 -2.34 14.72
C GLY A 462 17.21 -3.81 14.07
C GLY A 462 17.68 -3.20 13.81
N GLY A 463 18.30 -3.82 13.33
N GLY A 463 17.34 -4.49 13.73
CA GLY A 463 18.60 -5.07 12.67
CA GLY A 463 18.04 -5.46 12.92
C GLY A 463 17.92 -5.13 11.31
C GLY A 463 17.90 -5.06 11.45
N SER A 464 16.76 -4.47 11.14
CA SER A 464 16.41 -4.06 9.76
C SER A 464 16.63 -2.57 9.50
N THR A 465 17.38 -1.91 10.39
CA THR A 465 17.82 -0.54 10.14
C THR A 465 19.12 -0.63 9.34
N LEU A 466 18.99 -0.55 8.02
CA LEU A 466 20.04 -1.02 7.12
C LEU A 466 21.39 -0.34 7.27
N TYR A 467 21.37 0.97 7.42
CA TYR A 467 22.60 1.78 7.24
C TYR A 467 23.34 2.09 8.53
N GLY A 468 23.00 1.35 9.57
CA GLY A 468 23.71 1.45 10.85
C GLY A 468 23.05 2.33 11.89
N PRO A 469 23.74 2.57 12.99
CA PRO A 469 23.15 3.24 14.15
C PRO A 469 22.69 4.68 13.85
N TRP A 470 23.32 5.33 12.88
CA TRP A 470 23.03 6.73 12.60
C TRP A 470 22.09 6.93 11.42
N THR A 471 21.42 5.86 11.00
CA THR A 471 20.39 5.96 9.94
C THR A 471 19.35 7.04 10.25
N GLN A 472 18.83 7.04 11.49
CA GLN A 472 17.80 8.02 11.84
C GLN A 472 18.35 9.44 11.76
N ALA A 473 19.57 9.62 12.29
CA ALA A 473 20.25 10.92 12.31
C ALA A 473 20.42 11.45 10.88
N ALA A 474 20.77 10.54 9.96
CA ALA A 474 20.91 10.89 8.52
C ALA A 474 19.60 11.43 7.97
N TYR A 475 18.51 10.70 8.22
CA TYR A 475 17.20 11.17 7.73
C TYR A 475 16.84 12.51 8.36
N GLN A 476 17.14 12.70 9.64
CA GLN A 476 16.79 13.95 10.28
C GLN A 476 17.57 15.10 9.62
N GLN A 477 18.86 14.90 9.39
CA GLN A 477 19.68 15.91 8.71
C GLN A 477 19.13 16.23 7.32
N LEU A 478 18.78 15.19 6.57
CA LEU A 478 18.30 15.37 5.20
C LEU A 478 17.00 16.17 5.16
N PHE A 479 16.06 15.81 6.03
CA PHE A 479 14.80 16.55 6.11
C PHE A 479 14.96 17.97 6.66
N VAL A 480 15.82 18.16 7.66
CA VAL A 480 16.02 19.53 8.16
C VAL A 480 16.64 20.41 7.07
N ASP A 481 17.65 19.88 6.38
CA ASP A 481 18.30 20.65 5.32
C ASP A 481 17.29 21.02 4.22
N MET A 482 16.39 20.09 3.88
CA MET A 482 15.36 20.35 2.87
C MET A 482 14.40 21.42 3.36
N ALA A 483 14.01 21.36 4.65
CA ALA A 483 13.10 22.33 5.24
C ALA A 483 13.72 23.73 5.20
N VAL A 484 15.01 23.81 5.53
CA VAL A 484 15.73 25.09 5.48
C VAL A 484 15.78 25.63 4.06
N ALA A 485 16.07 24.77 3.08
CA ALA A 485 16.00 25.20 1.67
C ALA A 485 14.63 25.78 1.28
N LEU A 486 13.54 25.09 1.65
CA LEU A 486 12.18 25.63 1.44
C LEU A 486 12.03 26.99 2.08
N ARG A 487 12.45 27.11 3.35
CA ARG A 487 12.29 28.34 4.10
C ARG A 487 13.00 29.49 3.40
N GLU A 488 14.22 29.23 2.94
CA GLU A 488 15.08 30.27 2.39
C GLU A 488 14.86 30.49 0.91
N ARG A 489 13.86 29.77 0.40
N ARG A 489 13.98 29.71 0.29
CA ARG A 489 13.68 29.56 -1.03
CA ARG A 489 13.64 29.90 -1.15
C ARG A 489 14.99 28.84 -1.36
C ARG A 489 14.78 29.39 -2.05
N LEU A 490 15.51 28.87 -2.56
N LEU A 490 15.53 28.36 -1.58
CA LEU A 490 16.76 28.11 -2.69
CA LEU A 490 16.73 27.86 -2.24
C LEU A 490 16.55 26.63 -2.93
C LEU A 490 16.56 26.44 -2.81
N PRO A 491 17.34 26.08 -3.86
CA PRO A 491 17.30 24.70 -4.30
C PRO A 491 17.93 23.78 -3.27
N VAL A 492 17.57 22.50 -3.32
CA VAL A 492 18.30 21.51 -2.54
C VAL A 492 19.49 21.06 -3.41
N GLU A 493 20.38 20.26 -2.85
CA GLU A 493 21.54 19.82 -3.64
C GLU A 493 21.14 18.91 -4.79
N THR A 494 21.94 18.90 -5.86
CA THR A 494 21.58 18.16 -7.07
CA THR A 494 21.63 18.16 -7.08
C THR A 494 21.36 16.70 -6.74
N SER A 495 20.34 16.11 -7.36
CA SER A 495 20.03 14.69 -7.14
C SER A 495 21.13 13.79 -7.66
N ALA A 496 21.38 12.71 -6.94
CA ALA A 496 22.14 11.61 -7.48
C ALA A 496 21.16 10.73 -8.23
N ILE A 497 21.58 9.61 -8.78
CA ILE A 497 21.22 9.20 -10.11
C ILE A 497 20.71 7.88 -9.53
N ALA A 498 19.40 7.61 -9.62
CA ALA A 498 18.87 6.37 -9.06
C ALA A 498 19.22 5.23 -10.01
N PRO A 499 19.87 4.17 -9.51
CA PRO A 499 20.27 3.07 -10.41
C PRO A 499 19.08 2.43 -11.11
N ASP A 500 19.22 2.17 -12.41
CA ASP A 500 18.18 1.48 -13.17
C ASP A 500 18.55 0.00 -13.26
N LEU A 501 17.76 -0.82 -12.57
CA LEU A 501 18.03 -2.25 -12.49
C LEU A 501 17.06 -3.03 -13.36
N SER A 502 16.34 -2.31 -14.23
CA SER A 502 15.30 -2.91 -15.03
C SER A 502 15.79 -3.99 -16.02
N CYS A 503 17.04 -3.88 -16.47
N CYS A 503 17.03 -3.95 -16.48
CA CYS A 503 17.62 -4.84 -17.44
CA CYS A 503 17.43 -4.95 -17.48
C CYS A 503 17.68 -6.27 -16.94
C CYS A 503 17.90 -6.29 -16.94
N CYS A 504 17.85 -6.41 -15.64
N CYS A 504 17.95 -6.44 -15.62
CA CYS A 504 18.54 -7.58 -15.13
CA CYS A 504 18.65 -7.58 -15.00
C CYS A 504 17.83 -8.23 -13.94
C CYS A 504 17.82 -8.44 -14.05
N GLN A 505 16.50 -8.24 -14.05
CA GLN A 505 15.62 -8.86 -13.06
C GLN A 505 15.51 -10.36 -13.28
N MET A 506 15.63 -11.12 -12.20
CA MET A 506 15.46 -12.57 -12.26
C MET A 506 14.08 -12.98 -11.76
N ASN A 507 13.61 -14.14 -12.23
CA ASN A 507 12.37 -14.72 -11.77
C ASN A 507 12.37 -16.21 -11.84
N PHE A 508 11.93 -16.86 -10.76
CA PHE A 508 11.81 -18.32 -10.70
C PHE A 508 10.39 -18.81 -10.45
N GLN A 509 9.43 -17.88 -10.49
CA GLN A 509 8.02 -18.26 -10.40
C GLN A 509 7.50 -18.64 -11.78
N THR A 510 7.01 -19.87 -11.90
CA THR A 510 6.46 -20.35 -13.16
CA THR A 510 6.46 -20.32 -13.19
C THR A 510 5.14 -19.64 -13.48
N GLY A 511 4.77 -19.58 -14.76
CA GLY A 511 3.52 -18.96 -15.16
C GLY A 511 2.47 -20.00 -15.50
N VAL A 512 1.51 -19.60 -16.34
CA VAL A 512 0.42 -20.46 -16.74
C VAL A 512 0.83 -21.24 -17.98
N VAL A 513 0.87 -22.57 -17.87
CA VAL A 513 1.15 -23.46 -19.00
C VAL A 513 -0.07 -23.47 -19.93
N ALA A 514 -1.24 -23.76 -19.37
CA ALA A 514 -2.48 -23.78 -20.14
C ALA A 514 -3.63 -24.12 -19.19
N ASP A 515 -4.85 -23.83 -19.66
CA ASP A 515 -6.07 -24.20 -18.96
C ASP A 515 -6.89 -25.18 -19.78
N ASP A 516 -7.54 -26.10 -19.08
CA ASP A 516 -8.57 -26.95 -19.66
C ASP A 516 -9.77 -26.92 -18.73
N PRO A 517 -10.98 -27.10 -19.29
CA PRO A 517 -12.15 -27.21 -18.43
C PRO A 517 -12.13 -28.55 -17.69
N TYR A 518 -12.99 -28.69 -16.68
CA TYR A 518 -13.18 -30.00 -16.06
C TYR A 518 -13.59 -30.96 -17.17
N ILE A 519 -13.12 -32.20 -17.06
CA ILE A 519 -13.51 -33.28 -17.94
C ILE A 519 -15.04 -33.34 -18.04
N GLY A 520 -15.51 -33.35 -19.29
CA GLY A 520 -16.93 -33.38 -19.56
C GLY A 520 -17.67 -32.08 -19.38
N LYS A 521 -16.95 -30.98 -19.14
CA LYS A 521 -17.61 -29.69 -18.91
C LYS A 521 -17.00 -28.60 -19.78
N SER A 522 -17.55 -27.39 -19.69
CA SER A 522 -16.99 -26.24 -20.41
CA SER A 522 -17.02 -26.24 -20.42
C SER A 522 -16.65 -25.13 -19.43
N PHE A 523 -15.71 -24.27 -19.83
CA PHE A 523 -15.38 -23.11 -18.98
C PHE A 523 -16.66 -22.34 -18.68
N GLY A 524 -16.86 -21.88 -17.45
CA GLY A 524 -18.07 -21.14 -17.10
C GLY A 524 -19.23 -22.00 -16.57
N ASP A 525 -19.12 -23.32 -16.72
CA ASP A 525 -20.16 -24.20 -16.19
C ASP A 525 -20.25 -24.05 -14.67
N VAL A 526 -21.47 -24.09 -14.16
CA VAL A 526 -21.70 -24.01 -12.72
C VAL A 526 -21.46 -25.38 -12.04
N LEU A 527 -20.53 -25.39 -11.09
CA LEU A 527 -20.22 -26.56 -10.28
C LEU A 527 -21.07 -26.66 -9.03
N GLN A 528 -21.42 -25.50 -8.46
CA GLN A 528 -22.26 -25.44 -7.26
C GLN A 528 -23.26 -24.31 -7.43
N GLN A 529 -24.53 -24.68 -7.56
CA GLN A 529 -25.61 -23.71 -7.66
C GLN A 529 -25.99 -23.20 -6.28
N PRO A 530 -26.56 -21.99 -6.22
CA PRO A 530 -27.07 -21.48 -4.94
C PRO A 530 -28.31 -22.25 -4.51
N ARG A 531 -28.58 -22.24 -3.21
N ARG A 531 -28.60 -22.28 -3.22
CA ARG A 531 -29.82 -22.76 -2.64
CA ARG A 531 -29.85 -22.91 -2.80
C ARG A 531 -31.03 -22.01 -3.21
C ARG A 531 -31.03 -21.99 -3.12
N GLU A 532 -32.24 -22.52 -2.95
CA GLU A 532 -33.47 -21.83 -3.39
C GLU A 532 -33.63 -20.44 -2.82
N SER A 533 -33.35 -20.29 -1.53
CA SER A 533 -33.60 -19.02 -0.84
C SER A 533 -32.62 -18.80 0.31
N TYR A 534 -32.44 -17.53 0.67
CA TYR A 534 -31.56 -17.13 1.77
C TYR A 534 -32.19 -15.99 2.52
N ARG A 535 -31.69 -15.75 3.73
CA ARG A 535 -32.10 -14.62 4.56
C ARG A 535 -30.91 -13.67 4.71
N ILE A 536 -31.20 -12.43 5.08
CA ILE A 536 -30.15 -11.47 5.38
C ILE A 536 -29.24 -12.06 6.47
N GLY A 537 -27.94 -11.96 6.26
CA GLY A 537 -26.97 -12.51 7.20
C GLY A 537 -26.42 -13.84 6.74
N ASP A 538 -27.11 -14.48 5.80
CA ASP A 538 -26.63 -15.75 5.24
C ASP A 538 -25.53 -15.52 4.23
N LYS A 539 -24.65 -16.51 4.10
CA LYS A 539 -23.63 -16.51 3.06
C LYS A 539 -24.03 -17.43 1.89
N VAL A 540 -24.07 -16.86 0.69
CA VAL A 540 -24.31 -17.61 -0.55
C VAL A 540 -22.94 -18.06 -1.11
N THR A 541 -22.79 -19.36 -1.38
CA THR A 541 -21.54 -19.85 -2.01
CA THR A 541 -21.55 -19.90 -1.96
C THR A 541 -21.88 -20.64 -3.27
N VAL A 542 -21.23 -20.22 -4.36
CA VAL A 542 -21.38 -20.87 -5.64
C VAL A 542 -20.01 -21.13 -6.25
N ALA A 543 -19.96 -21.87 -7.36
CA ALA A 543 -18.65 -22.21 -7.94
C ALA A 543 -18.80 -22.51 -9.41
N PHE A 544 -17.74 -22.19 -10.16
CA PHE A 544 -17.72 -22.31 -11.64
C PHE A 544 -16.42 -22.95 -12.12
N VAL A 545 -16.48 -23.68 -13.24
CA VAL A 545 -15.27 -24.11 -13.97
C VAL A 545 -14.62 -22.85 -14.50
N THR A 546 -13.32 -22.67 -14.27
CA THR A 546 -12.67 -21.41 -14.65
CA THR A 546 -12.69 -21.41 -14.65
C THR A 546 -11.33 -21.61 -15.33
N GLY A 547 -10.63 -20.50 -15.59
CA GLY A 547 -9.23 -20.50 -16.01
C GLY A 547 -8.41 -19.62 -15.06
N HIS A 548 -7.10 -19.71 -15.20
CA HIS A 548 -6.16 -19.06 -14.29
C HIS A 548 -6.25 -17.52 -14.29
N PRO A 549 -6.44 -16.88 -13.11
CA PRO A 549 -6.51 -15.41 -13.08
C PRO A 549 -5.21 -14.72 -13.52
N LYS A 550 -4.07 -15.43 -13.55
CA LYS A 550 -2.83 -14.82 -14.11
C LYS A 550 -3.01 -14.45 -15.58
N ASN A 551 -3.97 -15.08 -16.25
CA ASN A 551 -4.20 -14.80 -17.68
C ASN A 551 -4.66 -13.36 -17.95
N ASP A 552 -5.42 -12.77 -17.01
CA ASP A 552 -5.94 -11.41 -17.15
C ASP A 552 -6.31 -10.91 -15.76
N LEU A 553 -5.76 -9.78 -15.35
CA LEU A 553 -6.04 -9.20 -14.01
C LEU A 553 -7.43 -8.65 -13.87
N ARG A 554 -8.09 -8.50 -15.01
CA ARG A 554 -9.43 -7.92 -15.06
C ARG A 554 -9.46 -6.51 -14.41
N THR A 555 -8.44 -5.75 -14.77
CA THR A 555 -8.22 -4.40 -14.27
C THR A 555 -9.44 -3.53 -14.63
N GLU A 556 -9.99 -2.83 -13.63
CA GLU A 556 -11.18 -1.97 -13.77
C GLU A 556 -12.43 -2.76 -14.09
N LYS A 557 -12.30 -4.09 -14.03
CA LYS A 557 -13.43 -4.99 -14.21
CA LYS A 557 -13.40 -5.04 -14.23
C LYS A 557 -13.57 -5.93 -13.00
N THR A 558 -14.12 -7.12 -13.18
CA THR A 558 -14.41 -7.97 -12.04
C THR A 558 -14.45 -9.44 -12.41
N PHE A 559 -14.13 -10.28 -11.43
CA PHE A 559 -14.31 -11.73 -11.60
C PHE A 559 -15.71 -12.19 -11.27
N LEU A 560 -16.53 -11.30 -10.70
CA LEU A 560 -17.84 -11.69 -10.24
C LEU A 560 -18.78 -10.50 -10.16
N GLU A 561 -20.06 -10.79 -10.31
CA GLU A 561 -21.11 -9.81 -10.12
C GLU A 561 -22.24 -10.51 -9.37
N VAL A 562 -22.81 -9.83 -8.38
CA VAL A 562 -24.09 -10.21 -7.79
C VAL A 562 -25.12 -9.34 -8.47
N VAL A 563 -26.09 -10.00 -9.10
CA VAL A 563 -27.06 -9.32 -9.96
C VAL A 563 -28.47 -9.44 -9.39
N ASN A 564 -29.12 -8.28 -9.22
CA ASN A 564 -30.50 -8.15 -8.75
C ASN A 564 -31.43 -8.10 -9.97
N ILE A 565 -32.42 -9.01 -10.01
CA ILE A 565 -33.41 -9.03 -11.12
C ILE A 565 -34.84 -8.79 -10.62
N GLY A 566 -34.95 -8.27 -9.40
CA GLY A 566 -36.21 -7.74 -8.91
C GLY A 566 -37.03 -8.64 -8.03
N LYS A 567 -38.20 -8.14 -7.67
CA LYS A 567 -38.99 -8.70 -6.58
C LYS A 567 -39.60 -10.12 -6.64
N ASP A 568 -40.02 -10.70 -7.77
CA ASP A 568 -39.66 -10.49 -9.20
C ASP A 568 -39.98 -9.13 -9.88
N GLY A 569 -39.79 -9.00 -11.21
CA GLY A 569 -39.56 -10.11 -12.17
C GLY A 569 -38.21 -10.82 -12.35
N LYS A 570 -37.65 -10.83 -13.56
CA LYS A 570 -38.17 -10.16 -14.78
C LYS A 570 -37.79 -8.67 -14.91
N GLN A 571 -37.24 -8.09 -13.85
CA GLN A 571 -36.75 -6.72 -13.90
C GLN A 571 -35.39 -6.67 -14.58
N THR A 572 -35.08 -5.52 -15.19
CA THR A 572 -33.78 -5.27 -15.81
CA THR A 572 -33.78 -5.35 -15.82
C THR A 572 -32.68 -5.57 -14.79
N PRO A 573 -31.64 -6.35 -15.17
CA PRO A 573 -30.58 -6.70 -14.19
C PRO A 573 -29.82 -5.49 -13.68
N VAL A 574 -29.58 -5.43 -12.38
N VAL A 574 -29.55 -5.49 -12.38
CA VAL A 574 -28.74 -4.38 -11.78
CA VAL A 574 -28.81 -4.44 -11.68
C VAL A 574 -27.69 -5.03 -10.88
C VAL A 574 -27.68 -5.10 -10.86
N THR A 575 -26.44 -4.72 -11.13
CA THR A 575 -25.36 -5.27 -10.31
CA THR A 575 -25.31 -5.23 -10.35
C THR A 575 -25.35 -4.56 -8.96
N VAL A 576 -25.35 -5.35 -7.90
CA VAL A 576 -25.35 -4.83 -6.53
C VAL A 576 -24.04 -5.13 -5.80
N ALA A 577 -23.20 -5.98 -6.37
CA ALA A 577 -21.88 -6.23 -5.78
C ALA A 577 -20.90 -6.76 -6.82
N THR A 578 -19.64 -6.42 -6.62
CA THR A 578 -18.56 -6.75 -7.53
CA THR A 578 -18.57 -6.82 -7.54
C THR A 578 -17.47 -7.46 -6.70
N ASP A 579 -16.36 -7.87 -7.31
CA ASP A 579 -15.29 -8.50 -6.51
C ASP A 579 -14.59 -7.52 -5.56
N ASN A 580 -14.80 -6.22 -5.73
CA ASN A 580 -14.20 -5.25 -4.85
C ASN A 580 -14.87 -5.20 -3.48
N ASP A 581 -16.13 -5.62 -3.41
CA ASP A 581 -16.91 -5.35 -2.21
C ASP A 581 -16.52 -6.25 -1.01
N TRP A 582 -16.61 -5.68 0.20
CA TRP A 582 -16.33 -6.44 1.42
C TRP A 582 -17.17 -7.72 1.53
N ASP A 583 -18.42 -7.66 1.08
CA ASP A 583 -19.38 -8.77 1.27
C ASP A 583 -19.14 -9.94 0.32
N THR A 584 -18.25 -9.77 -0.66
CA THR A 584 -17.97 -10.84 -1.64
C THR A 584 -16.55 -11.37 -1.53
N GLN A 585 -16.37 -12.65 -1.88
CA GLN A 585 -15.04 -13.22 -2.03
C GLN A 585 -14.98 -14.02 -3.31
N TYR A 586 -13.78 -14.03 -3.90
CA TYR A 586 -13.43 -14.82 -5.08
C TYR A 586 -12.24 -15.67 -4.74
N ARG A 587 -12.38 -16.98 -4.87
CA ARG A 587 -11.29 -17.91 -4.57
CA ARG A 587 -11.31 -17.92 -4.57
C ARG A 587 -11.04 -18.79 -5.78
N TRP A 588 -9.77 -18.91 -6.14
CA TRP A 588 -9.32 -19.75 -7.25
C TRP A 588 -8.54 -20.94 -6.71
N GLU A 589 -8.79 -22.13 -7.26
CA GLU A 589 -7.93 -23.26 -6.92
CA GLU A 589 -8.04 -23.33 -6.86
C GLU A 589 -7.76 -24.22 -8.06
N ARG A 590 -6.54 -24.74 -8.12
CA ARG A 590 -6.14 -25.73 -9.12
C ARG A 590 -6.92 -27.03 -8.89
N VAL A 591 -7.39 -27.61 -9.99
CA VAL A 591 -8.06 -28.91 -9.95
C VAL A 591 -7.37 -29.82 -10.95
N GLY A 592 -6.79 -30.91 -10.46
CA GLY A 592 -5.97 -31.80 -11.30
C GLY A 592 -4.78 -31.06 -11.88
N ILE A 593 -4.41 -31.39 -13.12
CA ILE A 593 -3.25 -30.77 -13.76
C ILE A 593 -3.50 -29.37 -14.33
N SER A 594 -4.60 -29.19 -15.04
CA SER A 594 -4.78 -27.97 -15.82
C SER A 594 -6.15 -27.35 -15.68
N ALA A 595 -7.01 -27.93 -14.84
CA ALA A 595 -8.34 -27.36 -14.62
C ALA A 595 -8.31 -26.48 -13.37
N SER A 596 -9.41 -25.77 -13.14
CA SER A 596 -9.50 -24.93 -11.94
C SER A 596 -10.93 -24.53 -11.64
N LYS A 597 -11.17 -24.11 -10.40
CA LYS A 597 -12.50 -23.69 -10.02
CA LYS A 597 -12.49 -23.76 -9.90
C LYS A 597 -12.46 -22.34 -9.34
N ALA A 598 -13.48 -21.55 -9.64
CA ALA A 598 -13.68 -20.24 -9.02
C ALA A 598 -14.81 -20.41 -8.03
N THR A 599 -14.56 -20.17 -6.75
CA THR A 599 -15.61 -20.24 -5.74
C THR A 599 -15.90 -18.81 -5.33
N ILE A 600 -17.17 -18.43 -5.42
CA ILE A 600 -17.60 -17.07 -5.18
C ILE A 600 -18.62 -17.07 -4.07
N SER A 601 -18.44 -16.17 -3.11
CA SER A 601 -19.40 -16.09 -2.03
C SER A 601 -19.90 -14.68 -1.84
N TRP A 602 -21.10 -14.59 -1.29
CA TRP A 602 -21.73 -13.30 -0.97
C TRP A 602 -22.37 -13.42 0.41
N SER A 603 -21.88 -12.62 1.35
CA SER A 603 -22.53 -12.52 2.65
C SER A 603 -23.56 -11.41 2.56
N ILE A 604 -24.83 -11.77 2.63
CA ILE A 604 -25.93 -10.83 2.34
C ILE A 604 -26.08 -9.85 3.49
N PRO A 605 -25.75 -8.56 3.27
CA PRO A 605 -25.72 -7.60 4.37
C PRO A 605 -27.09 -7.03 4.74
N PRO A 606 -27.24 -6.48 5.96
CA PRO A 606 -28.44 -5.74 6.33
C PRO A 606 -28.76 -4.68 5.30
N GLY A 607 -30.04 -4.55 4.94
CA GLY A 607 -30.45 -3.56 3.99
C GLY A 607 -30.59 -4.02 2.55
N THR A 608 -30.27 -5.28 2.24
CA THR A 608 -30.46 -5.81 0.89
CA THR A 608 -30.46 -5.73 0.87
C THR A 608 -31.95 -6.00 0.62
N GLU A 609 -32.41 -5.56 -0.55
CA GLU A 609 -33.80 -5.72 -0.93
C GLU A 609 -34.15 -7.20 -1.04
N PRO A 610 -35.28 -7.61 -0.44
CA PRO A 610 -35.85 -8.91 -0.79
C PRO A 610 -36.10 -8.99 -2.29
N GLY A 611 -35.97 -10.19 -2.85
N GLY A 611 -35.97 -10.19 -2.85
CA GLY A 611 -36.17 -10.39 -4.29
CA GLY A 611 -36.14 -10.37 -4.29
C GLY A 611 -35.33 -11.51 -4.86
C GLY A 611 -35.20 -11.42 -4.85
N HIS A 612 -35.14 -11.49 -6.17
CA HIS A 612 -34.38 -12.53 -6.87
C HIS A 612 -33.04 -12.02 -7.37
N TYR A 613 -32.02 -12.87 -7.22
CA TYR A 613 -30.65 -12.54 -7.54
C TYR A 613 -29.97 -13.69 -8.25
N TYR A 614 -28.88 -13.42 -8.95
CA TYR A 614 -28.00 -14.50 -9.38
C TYR A 614 -26.55 -14.03 -9.37
N ILE A 615 -25.62 -14.95 -9.55
CA ILE A 615 -24.21 -14.59 -9.55
C ILE A 615 -23.60 -14.90 -10.91
N ARG A 616 -22.89 -13.93 -11.48
CA ARG A 616 -22.17 -14.09 -12.72
C ARG A 616 -20.65 -14.13 -12.47
N HIS A 617 -19.97 -15.04 -13.18
CA HIS A 617 -18.52 -15.15 -13.13
C HIS A 617 -17.90 -14.76 -14.46
N TYR A 618 -16.83 -13.98 -14.41
CA TYR A 618 -16.01 -13.65 -15.58
C TYR A 618 -14.59 -14.12 -15.31
N GLY A 619 -13.96 -14.80 -16.27
CA GLY A 619 -12.58 -15.26 -16.16
C GLY A 619 -11.91 -15.33 -17.53
N ASN A 620 -10.72 -15.92 -17.58
CA ASN A 620 -9.97 -16.01 -18.83
C ASN A 620 -9.21 -17.33 -18.84
N ALA A 621 -9.13 -17.94 -20.02
CA ALA A 621 -8.46 -19.23 -20.16
C ALA A 621 -7.39 -19.21 -21.25
N LYS A 622 -6.31 -19.97 -21.07
CA LYS A 622 -5.20 -20.03 -22.03
C LYS A 622 -5.16 -21.38 -22.78
N ASN A 623 -5.07 -21.33 -24.11
CA ASN A 623 -4.94 -22.55 -24.95
C ASN A 623 -3.49 -23.01 -25.01
N PHE A 624 -3.20 -24.28 -24.71
CA PHE A 624 -1.81 -24.76 -24.66
C PHE A 624 -1.09 -24.62 -26.00
N TRP A 625 -1.84 -24.93 -27.05
CA TRP A 625 -1.31 -25.07 -28.42
CA TRP A 625 -1.21 -25.06 -28.35
C TRP A 625 -1.03 -23.73 -29.09
N THR A 626 -1.96 -22.81 -28.93
CA THR A 626 -1.88 -21.51 -29.60
C THR A 626 -1.35 -20.41 -28.67
N GLN A 627 -1.44 -20.69 -27.37
CA GLN A 627 -1.14 -19.72 -26.30
CA GLN A 627 -1.14 -19.72 -26.30
C GLN A 627 -2.14 -18.55 -26.24
N LYS A 628 -3.23 -18.65 -27.01
CA LYS A 628 -4.26 -17.61 -27.01
CA LYS A 628 -4.27 -17.62 -27.02
C LYS A 628 -5.01 -17.58 -25.68
N ILE A 629 -5.29 -16.37 -25.20
CA ILE A 629 -6.05 -16.18 -23.96
C ILE A 629 -7.44 -15.67 -24.38
N SER A 630 -8.48 -16.35 -23.92
CA SER A 630 -9.87 -16.05 -24.27
CA SER A 630 -9.86 -16.02 -24.26
C SER A 630 -10.70 -15.70 -23.04
N GLU A 631 -11.79 -14.98 -23.27
CA GLU A 631 -12.77 -14.67 -22.25
CA GLU A 631 -12.76 -14.68 -22.22
C GLU A 631 -13.68 -15.85 -22.00
N ILE A 632 -13.92 -16.16 -20.72
CA ILE A 632 -14.87 -17.21 -20.35
CA ILE A 632 -14.87 -17.21 -20.35
C ILE A 632 -15.82 -16.67 -19.27
N GLY A 633 -16.97 -17.33 -19.10
CA GLY A 633 -17.92 -16.86 -18.12
C GLY A 633 -19.12 -17.73 -17.96
N GLY A 634 -19.91 -17.46 -16.92
CA GLY A 634 -21.09 -18.26 -16.61
C GLY A 634 -21.97 -17.55 -15.61
N SER A 635 -23.21 -17.98 -15.49
CA SER A 635 -24.17 -17.40 -14.55
C SER A 635 -24.91 -18.50 -13.82
N THR A 636 -25.13 -18.33 -12.51
CA THR A 636 -25.91 -19.29 -11.73
C THR A 636 -27.39 -19.13 -12.04
N ARG A 637 -28.17 -20.11 -11.64
CA ARG A 637 -29.62 -19.93 -11.60
C ARG A 637 -29.95 -18.86 -10.56
N SER A 638 -31.15 -18.29 -10.63
CA SER A 638 -31.55 -17.33 -9.60
C SER A 638 -31.81 -17.96 -8.23
N PHE A 639 -31.69 -17.14 -7.19
CA PHE A 639 -32.08 -17.50 -5.82
C PHE A 639 -32.84 -16.32 -5.22
N GLU A 640 -33.61 -16.58 -4.17
CA GLU A 640 -34.43 -15.54 -3.55
C GLU A 640 -33.84 -15.10 -2.23
N VAL A 641 -33.77 -13.79 -2.02
CA VAL A 641 -33.50 -13.27 -0.69
C VAL A 641 -34.85 -12.90 -0.07
N LEU A 642 -35.13 -13.53 1.07
CA LEU A 642 -36.38 -13.31 1.82
C LEU A 642 -36.16 -12.24 2.90
N GLY A 643 -37.23 -11.58 3.33
CA GLY A 643 -37.10 -10.65 4.44
C GLY A 643 -38.27 -9.72 4.73
N THR A 644 -38.11 -8.46 4.34
CA THR A 644 -39.09 -7.43 4.69
C THR A 644 -39.26 -6.41 3.59
N THR A 645 -38.86 -5.18 3.88
CA THR A 645 -39.04 -4.06 2.95
C THR A 645 -38.40 -4.34 1.60
ZN ZN B . 6.40 -3.14 8.37
MG MG C . -15.02 -8.91 -2.51
C FMT D . 12.99 -0.37 -3.20
O1 FMT D . 12.52 0.79 -3.16
O2 FMT D . 12.95 -1.10 -4.21
C FMT E . -6.26 3.96 1.81
O1 FMT E . -6.64 2.75 1.71
O2 FMT E . -5.60 4.71 1.02
C FMT F . 5.22 -20.56 -18.16
O1 FMT F . 5.69 -21.40 -17.39
O2 FMT F . 4.80 -20.79 -19.30
C1 PLM G . 13.45 26.96 -6.09
O1 PLM G . 12.35 26.87 -6.67
O2 PLM G . 13.55 27.67 -5.06
C2 PLM G . 14.67 26.25 -6.62
C3 PLM G . 14.33 24.78 -6.85
C4 PLM G . 15.48 24.07 -7.54
C5 PLM G . 15.58 24.34 -9.05
C6 PLM G . 16.53 23.33 -9.67
C7 PLM G . 17.94 23.91 -9.81
C8 PLM G . 18.92 23.34 -8.81
C9 PLM G . 20.35 23.77 -9.12
CA PLM G . 21.04 24.41 -7.93
CB PLM G . 21.86 23.39 -7.15
CC PLM G . 21.59 23.52 -5.65
CD PLM G . 22.87 23.80 -4.87
CE PLM G . 22.58 24.37 -3.49
CF PLM G . 22.44 23.28 -2.44
CG PLM G . 23.80 22.82 -1.90
C1 GOL H . -6.27 33.27 -5.70
O1 GOL H . -6.18 33.07 -4.30
C2 GOL H . -7.70 33.68 -6.04
O2 GOL H . -8.58 32.60 -5.87
C3 GOL H . -7.77 34.23 -7.48
O3 GOL H . -7.17 33.34 -8.39
C1 GOL I . -10.56 24.13 -13.55
O1 GOL I . -11.15 23.92 -12.27
C2 GOL I . -9.27 23.32 -13.70
O2 GOL I . -9.41 22.37 -14.73
C3 GOL I . -8.10 24.24 -14.05
O3 GOL I . -6.88 23.66 -13.60
C1 GOL J . 17.82 -10.11 -9.31
O1 GOL J . 16.45 -10.09 -9.65
C2 GOL J . 18.47 -8.91 -9.98
O2 GOL J . 19.70 -9.26 -10.60
C3 GOL J . 18.61 -7.79 -8.95
O3 GOL J . 17.43 -7.69 -8.15
C1 GOL K . 9.50 -6.45 6.98
O1 GOL K . 8.77 -6.11 8.15
C2 GOL K . 8.77 -6.04 5.71
O2 GOL K . 7.43 -6.45 5.76
C3 GOL K . 9.47 -6.59 4.47
O3 GOL K . 8.54 -7.11 3.55
C1 GOL L . -11.67 7.94 20.74
O1 GOL L . -11.16 9.16 20.23
C2 GOL L . -10.70 6.85 20.29
O2 GOL L . -9.42 7.25 20.59
C3 GOL L . -10.89 5.54 21.03
O3 GOL L . -9.76 4.74 20.72
C1 GOL M . -1.32 -8.01 13.40
O1 GOL M . -1.72 -9.26 12.88
C2 GOL M . -1.06 -8.14 14.90
O2 GOL M . 0.31 -7.88 15.14
C3 GOL M . -1.87 -7.10 15.65
O3 GOL M . -1.88 -7.32 17.04
C1 GOL N . -18.40 -11.16 5.09
O1 GOL N . -19.21 -10.00 5.28
C2 GOL N . -16.99 -10.77 4.66
O2 GOL N . -16.64 -11.42 3.46
C3 GOL N . -15.98 -11.05 5.77
O3 GOL N . -16.07 -12.38 6.26
C1 GOL O . 7.89 20.87 -13.95
O1 GOL O . 7.70 19.70 -14.72
C2 GOL O . 6.77 21.08 -12.94
O2 GOL O . 7.02 22.27 -12.23
C3 GOL O . 6.72 19.93 -11.93
O3 GOL O . 7.56 20.17 -10.81
C1 GOL P . 13.69 -12.30 4.34
O1 GOL P . 13.18 -13.56 4.73
C2 GOL P . 13.11 -11.19 5.21
O2 GOL P . 13.78 -9.98 4.93
C3 GOL P . 13.24 -11.50 6.70
O3 GOL P . 12.27 -12.46 7.06
C1 GOL Q . -19.46 -3.49 5.25
O1 GOL Q . -18.54 -2.58 4.68
C2 GOL Q . -20.23 -4.13 4.10
O2 GOL Q . -20.50 -3.13 3.13
C3 GOL Q . -21.53 -4.68 4.66
O3 GOL Q . -22.55 -4.40 3.73
C1 GOL R . -26.73 -14.32 -19.00
O1 GOL R . -27.36 -14.05 -17.76
C2 GOL R . -25.22 -14.17 -18.85
O2 GOL R . -24.73 -13.48 -19.98
C3 GOL R . -24.55 -15.55 -18.79
O3 GOL R . -23.25 -15.47 -18.26
C1 GOL S . 17.88 -13.98 5.02
O1 GOL S . 17.79 -12.82 4.14
C2 GOL S . 17.23 -15.18 4.29
O2 GOL S . 17.90 -16.41 4.58
C3 GOL S . 15.77 -15.28 4.74
O3 GOL S . 15.02 -15.87 3.68
C1 GOL T . -5.22 -21.26 -0.08
O1 GOL T . -6.47 -20.59 -0.08
C2 GOL T . -4.78 -21.50 -1.52
O2 GOL T . -5.73 -22.31 -2.18
C3 GOL T . -3.35 -22.06 -1.56
O3 GOL T . -2.42 -20.99 -1.69
C1 GOL U . 11.85 0.45 33.18
O1 GOL U . 12.99 0.76 33.95
C2 GOL U . 11.55 1.56 32.17
O2 GOL U . 10.49 1.20 31.32
C3 GOL U . 12.76 1.96 31.35
O3 GOL U . 13.18 3.26 31.70
C1 GOL V . -5.84 -5.04 26.26
O1 GOL V . -5.51 -4.21 27.36
C2 GOL V . -6.00 -4.17 25.02
O2 GOL V . -6.00 -4.99 23.85
C3 GOL V . -7.33 -3.42 25.10
O3 GOL V . -7.34 -2.37 24.16
C1 GOL W . -16.97 19.18 7.04
O1 GOL W . -16.29 18.23 6.23
C2 GOL W . -18.41 19.23 6.57
O2 GOL W . -19.23 19.97 7.47
C3 GOL W . -18.48 19.88 5.18
O3 GOL W . -19.76 19.62 4.64
C1 GOL X . 2.68 -24.22 -7.31
O1 GOL X . 2.14 -24.71 -6.11
C2 GOL X . 1.97 -22.92 -7.72
O2 GOL X . 1.87 -22.00 -6.66
C3 GOL X . 2.72 -22.30 -8.89
O3 GOL X . 4.01 -21.96 -8.43
#